data_4L6T
#
_entry.id   4L6T
#
_cell.length_a   120.441
_cell.length_b   120.441
_cell.length_c   273.479
_cell.angle_alpha   90.00
_cell.angle_beta   90.00
_cell.angle_gamma   120.00
#
_symmetry.space_group_name_H-M   'P 65 2 2'
#
loop_
_entity.id
_entity.type
_entity.pdbx_description
1 polymer ECXA
2 polymer ECXB
3 branched 'beta-D-galactopyranose-(1-3)-2-acetamido-2-deoxy-beta-D-galactopyranose-(1-4)-[N-acetyl-alpha-neuraminic acid-(2-3)]beta-D-galactopyranose-(1-4)-beta-D-glucopyranose'
4 non-polymer 'ZINC ION'
5 water water
#
loop_
_entity_poly.entity_id
_entity_poly.type
_entity_poly.pdbx_seq_one_letter_code
_entity_poly.pdbx_strand_id
1 'polypeptide(L)'
;MAERTPNEEKKVIGYADHNGQLYNITSIYGPVINYTVPDENITINTINSTGERTQLTINYSDYVREAFNEWAPSGIRVQQ
VSSSGAEARVVSFSTTNYADNSLGSTIFDPSGNSRTRIDIGSFNRIVMNNFEKLKSRGAIPANMSPEEYIKLKLRITIKH
EIGHILGLLHNNEGGSYFPHGVGLEVARCRLLNQAPSIMLNGSNYDYIDRLSHYLERPVTETDIGPSRNDIEGVRVMRRG
GSGNSFTNRFSCLGLGLAFSRSGGDL
;
A
2 'polypeptide(L)'
;MTPQNITDLCNEYQNTMIYSLNKEIATYTESLAGKREMVIISFSNGATFQVEVPGSQHLESQKRPLERMKDTLRAAYFTG
IKISKLCAWTNKSPNSIAAIELSNLEHHHHHH
;
B,C,D,E,F
#
# COMPACT_ATOMS: atom_id res chain seq x y z
N ALA A 2 -0.57 14.40 -14.72
CA ALA A 2 -0.33 14.95 -13.38
C ALA A 2 0.95 14.36 -12.78
N GLU A 3 1.76 15.21 -12.16
CA GLU A 3 2.98 14.76 -11.51
C GLU A 3 2.65 13.95 -10.27
N ARG A 4 3.67 13.56 -9.53
CA ARG A 4 3.44 12.81 -8.32
C ARG A 4 3.55 13.67 -7.08
N THR A 5 2.42 13.84 -6.42
CA THR A 5 2.36 14.58 -5.17
C THR A 5 3.18 13.89 -4.09
N PRO A 6 4.07 14.64 -3.43
CA PRO A 6 4.89 14.14 -2.31
C PRO A 6 4.00 13.63 -1.18
N ASN A 7 4.44 12.58 -0.48
CA ASN A 7 3.65 12.01 0.60
C ASN A 7 3.28 13.04 1.66
N GLU A 8 4.18 13.96 1.94
CA GLU A 8 3.90 14.96 2.98
C GLU A 8 2.69 15.84 2.63
N GLU A 9 2.45 16.04 1.33
CA GLU A 9 1.32 16.85 0.88
C GLU A 9 0.02 16.05 0.76
N LYS A 10 0.11 14.73 0.91
CA LYS A 10 -1.06 13.85 0.91
C LYS A 10 -1.40 13.38 2.32
N LYS A 11 -0.58 13.79 3.28
CA LYS A 11 -0.78 13.39 4.68
C LYS A 11 -1.91 14.18 5.32
N VAL A 12 -2.81 13.48 5.99
CA VAL A 12 -4.00 14.11 6.57
C VAL A 12 -4.05 13.83 8.07
N ILE A 13 -4.28 14.88 8.86
CA ILE A 13 -4.22 14.81 10.30
C ILE A 13 -5.59 15.09 10.89
N GLY A 14 -6.06 14.21 11.78
CA GLY A 14 -7.34 14.38 12.41
C GLY A 14 -7.20 14.81 13.85
N TYR A 15 -8.26 15.41 14.39
CA TYR A 15 -8.24 15.97 15.74
C TYR A 15 -8.60 14.89 16.75
N ALA A 16 -7.62 14.49 17.56
CA ALA A 16 -7.85 13.52 18.62
C ALA A 16 -7.96 14.23 19.95
N ASP A 17 -8.64 13.61 20.91
CA ASP A 17 -8.77 14.22 22.24
C ASP A 17 -7.54 13.94 23.07
N HIS A 18 -7.63 14.20 24.38
CA HIS A 18 -6.47 14.09 25.25
C HIS A 18 -6.08 12.64 25.51
N ASN A 19 -6.94 11.71 25.08
CA ASN A 19 -6.71 10.29 25.30
C ASN A 19 -6.39 9.52 24.01
N GLY A 20 -5.99 10.24 22.98
CA GLY A 20 -5.60 9.63 21.72
C GLY A 20 -6.78 9.11 20.90
N GLN A 21 -7.98 9.50 21.32
CA GLN A 21 -9.20 9.10 20.62
C GLN A 21 -9.67 10.21 19.68
N LEU A 22 -9.91 9.85 18.43
CA LEU A 22 -10.36 10.80 17.43
C LEU A 22 -11.75 11.31 17.75
N TYR A 23 -11.97 12.62 17.60
CA TYR A 23 -13.30 13.18 17.80
C TYR A 23 -14.25 12.65 16.73
N ASN A 24 -15.48 12.37 17.16
CA ASN A 24 -16.51 11.84 16.29
C ASN A 24 -17.45 12.96 15.88
N ILE A 25 -17.35 13.42 14.63
CA ILE A 25 -18.12 14.59 14.22
C ILE A 25 -19.60 14.24 13.99
N THR A 26 -19.91 12.96 13.81
CA THR A 26 -21.30 12.53 13.77
C THR A 26 -21.91 12.70 15.15
N SER A 27 -21.14 12.37 16.17
CA SER A 27 -21.58 12.54 17.56
C SER A 27 -21.64 14.00 17.96
N ILE A 28 -20.77 14.81 17.36
CA ILE A 28 -20.66 16.22 17.72
C ILE A 28 -21.74 17.09 17.06
N TYR A 29 -21.95 16.90 15.76
CA TYR A 29 -22.87 17.75 15.02
C TYR A 29 -24.26 17.12 14.83
N GLY A 30 -24.36 15.83 15.16
CA GLY A 30 -25.52 15.05 14.79
C GLY A 30 -25.24 14.39 13.47
N PRO A 31 -26.19 13.60 12.95
CA PRO A 31 -26.00 12.97 11.64
C PRO A 31 -26.03 14.02 10.53
N VAL A 32 -26.72 15.14 10.80
CA VAL A 32 -26.81 16.25 9.87
C VAL A 32 -26.24 17.51 10.50
N ILE A 33 -25.26 18.11 9.84
CA ILE A 33 -24.59 19.28 10.39
C ILE A 33 -25.40 20.56 10.14
N ASN A 34 -25.99 21.09 11.21
CA ASN A 34 -26.74 22.34 11.13
C ASN A 34 -25.81 23.54 11.29
N TYR A 35 -25.88 24.48 10.36
CA TYR A 35 -25.01 25.65 10.41
C TYR A 35 -25.72 26.95 10.07
N THR A 36 -25.20 28.05 10.61
CA THR A 36 -25.79 29.37 10.38
C THR A 36 -24.79 30.34 9.74
N VAL A 37 -25.32 31.33 9.03
CA VAL A 37 -24.56 32.35 8.31
C VAL A 37 -25.34 33.68 8.42
N PRO A 38 -24.63 34.82 8.55
CA PRO A 38 -25.37 36.08 8.57
C PRO A 38 -26.02 36.41 7.21
N ASP A 39 -26.39 37.66 7.00
CA ASP A 39 -27.12 38.06 5.79
C ASP A 39 -26.27 37.99 4.52
N GLU A 40 -25.34 37.04 4.49
CA GLU A 40 -24.40 36.87 3.37
C GLU A 40 -23.73 38.18 3.01
N ASN A 41 -23.66 38.46 1.71
CA ASN A 41 -23.17 39.75 1.20
C ASN A 41 -21.80 40.13 1.73
N ILE A 42 -20.80 39.28 1.49
CA ILE A 42 -19.42 39.60 1.82
C ILE A 42 -18.84 40.51 0.74
N THR A 43 -18.17 41.58 1.14
CA THR A 43 -17.63 42.54 0.19
C THR A 43 -16.14 42.78 0.39
N ILE A 44 -15.37 42.69 -0.70
CA ILE A 44 -13.93 42.86 -0.64
C ILE A 44 -13.48 44.12 -1.39
N ASN A 45 -12.55 44.87 -0.80
CA ASN A 45 -12.01 46.07 -1.43
C ASN A 45 -10.50 46.20 -1.29
N THR A 46 -9.79 45.91 -2.37
CA THR A 46 -8.32 45.98 -2.37
C THR A 46 -7.82 46.96 -3.44
N ILE A 47 -6.60 47.46 -3.27
CA ILE A 47 -6.04 48.44 -4.20
C ILE A 47 -4.61 48.08 -4.63
N ASN A 48 -4.26 48.49 -5.86
CA ASN A 48 -2.93 48.25 -6.40
C ASN A 48 -2.47 49.38 -7.31
N ARG A 53 -7.07 49.04 -7.93
CA ARG A 53 -8.28 48.89 -7.12
C ARG A 53 -9.16 47.76 -7.62
N THR A 54 -9.88 47.12 -6.71
CA THR A 54 -10.78 46.01 -7.05
C THR A 54 -11.87 45.82 -6.00
N GLN A 55 -13.13 45.79 -6.44
CA GLN A 55 -14.24 45.53 -5.54
C GLN A 55 -14.98 44.25 -5.94
N LEU A 56 -15.57 43.57 -4.96
CA LEU A 56 -16.24 42.30 -5.19
C LEU A 56 -17.22 41.98 -4.06
N THR A 57 -18.46 41.65 -4.42
CA THR A 57 -19.48 41.28 -3.45
C THR A 57 -19.91 39.82 -3.64
N ILE A 58 -20.17 39.13 -2.53
CA ILE A 58 -20.33 37.67 -2.54
C ILE A 58 -21.31 37.18 -1.46
N ASN A 59 -22.17 36.24 -1.82
CA ASN A 59 -23.07 35.61 -0.85
C ASN A 59 -22.35 34.55 -0.02
N TYR A 60 -22.09 34.87 1.24
CA TYR A 60 -21.46 33.96 2.20
C TYR A 60 -22.21 32.63 2.22
N SER A 61 -23.53 32.71 2.22
CA SER A 61 -24.40 31.54 2.20
C SER A 61 -24.14 30.64 1.00
N ASP A 62 -24.00 31.25 -0.17
CA ASP A 62 -23.81 30.51 -1.41
C ASP A 62 -22.43 29.87 -1.51
N TYR A 63 -21.40 30.59 -1.09
CA TYR A 63 -20.04 30.07 -1.15
C TYR A 63 -19.81 28.96 -0.13
N VAL A 64 -20.45 29.08 1.04
CA VAL A 64 -20.39 28.03 2.04
C VAL A 64 -21.08 26.77 1.49
N ARG A 65 -22.21 26.98 0.82
CA ARG A 65 -22.98 25.90 0.21
C ARG A 65 -22.15 25.09 -0.78
N GLU A 66 -21.45 25.78 -1.68
CA GLU A 66 -20.59 25.11 -2.65
C GLU A 66 -19.47 24.33 -1.95
N ALA A 67 -18.87 24.95 -0.95
CA ALA A 67 -17.77 24.35 -0.20
C ALA A 67 -18.18 23.05 0.48
N PHE A 68 -19.34 23.07 1.13
CA PHE A 68 -19.88 21.88 1.77
C PHE A 68 -20.12 20.76 0.74
N ASN A 69 -20.63 21.14 -0.43
CA ASN A 69 -20.86 20.17 -1.49
C ASN A 69 -19.55 19.52 -1.94
N GLU A 70 -18.46 20.26 -1.88
CA GLU A 70 -17.13 19.74 -2.23
C GLU A 70 -16.73 18.58 -1.32
N TRP A 71 -17.22 18.63 -0.08
CA TRP A 71 -16.88 17.63 0.93
C TRP A 71 -17.88 16.49 1.01
N ALA A 72 -18.98 16.61 0.26
CA ALA A 72 -20.05 15.60 0.25
C ALA A 72 -19.60 14.14 0.04
N PRO A 73 -18.58 13.88 -0.80
CA PRO A 73 -18.16 12.48 -0.97
C PRO A 73 -17.74 11.75 0.32
N SER A 74 -17.46 12.50 1.39
CA SER A 74 -17.08 11.90 2.67
C SER A 74 -18.30 11.26 3.33
N GLY A 75 -19.49 11.61 2.83
CA GLY A 75 -20.72 11.05 3.34
C GLY A 75 -21.41 11.96 4.34
N ILE A 76 -20.86 13.16 4.52
CA ILE A 76 -21.48 14.14 5.41
C ILE A 76 -22.76 14.71 4.79
N ARG A 77 -23.67 15.15 5.65
CA ARG A 77 -24.87 15.85 5.23
C ARG A 77 -24.99 17.13 6.05
N VAL A 78 -25.38 18.22 5.40
CA VAL A 78 -25.46 19.50 6.08
C VAL A 78 -26.86 20.09 6.02
N GLN A 79 -27.05 21.21 6.71
CA GLN A 79 -28.35 21.86 6.81
C GLN A 79 -28.20 23.31 7.26
N GLN A 80 -28.36 24.26 6.34
CA GLN A 80 -28.28 25.66 6.73
C GLN A 80 -29.51 26.02 7.54
N VAL A 81 -29.28 26.68 8.69
CA VAL A 81 -30.35 27.07 9.58
C VAL A 81 -30.24 28.55 9.92
N SER A 82 -31.36 29.26 9.88
CA SER A 82 -31.38 30.68 10.22
C SER A 82 -30.87 30.90 11.64
N SER A 83 -30.17 32.01 11.85
CA SER A 83 -29.61 32.33 13.15
C SER A 83 -30.68 32.55 14.21
N ARG A 89 -26.52 24.39 20.13
CA ARG A 89 -25.16 24.02 19.75
C ARG A 89 -25.07 23.73 18.25
N VAL A 90 -24.74 24.75 17.47
CA VAL A 90 -24.62 24.60 16.02
C VAL A 90 -23.40 25.32 15.45
N VAL A 91 -23.13 25.07 14.18
CA VAL A 91 -21.95 25.63 13.50
C VAL A 91 -22.21 27.06 13.01
N SER A 92 -21.23 27.94 13.20
CA SER A 92 -21.38 29.34 12.84
C SER A 92 -20.33 29.79 11.83
N PHE A 93 -20.79 30.43 10.76
CA PHE A 93 -19.90 31.10 9.82
C PHE A 93 -20.08 32.59 9.97
N SER A 94 -19.01 33.31 10.30
CA SER A 94 -19.11 34.75 10.50
C SER A 94 -18.02 35.52 9.76
N THR A 95 -18.18 36.84 9.73
CA THR A 95 -17.17 37.72 9.15
C THR A 95 -16.56 38.60 10.23
N THR A 96 -15.25 38.78 10.18
CA THR A 96 -14.56 39.65 11.13
C THR A 96 -13.69 40.66 10.38
N ASN A 97 -13.21 41.67 11.10
CA ASN A 97 -12.35 42.67 10.49
C ASN A 97 -11.20 43.02 11.42
N TYR A 98 -10.33 42.05 11.66
CA TYR A 98 -9.16 42.27 12.50
C TYR A 98 -8.00 42.79 11.68
N ALA A 99 -8.08 42.50 10.39
CA ALA A 99 -7.00 42.63 9.45
C ALA A 99 -5.76 42.13 10.15
N ASP A 100 -5.71 40.81 10.26
CA ASP A 100 -4.73 40.13 11.06
C ASP A 100 -3.71 39.36 10.25
N ASN A 101 -3.52 39.71 8.97
CA ASN A 101 -2.72 38.90 8.05
C ASN A 101 -3.20 37.44 8.06
N SER A 102 -4.48 37.25 8.38
CA SER A 102 -5.08 35.92 8.44
C SER A 102 -6.42 35.94 7.74
N LEU A 103 -6.51 35.22 6.63
CA LEU A 103 -7.69 35.25 5.76
C LEU A 103 -8.90 34.58 6.41
N GLY A 104 -8.66 33.44 7.07
CA GLY A 104 -9.74 32.69 7.69
C GLY A 104 -9.24 31.92 8.90
N SER A 105 -10.18 31.52 9.76
CA SER A 105 -9.83 30.82 10.98
C SER A 105 -11.04 30.04 11.50
N THR A 106 -10.78 28.94 12.19
CA THR A 106 -11.86 28.08 12.69
C THR A 106 -11.57 27.58 14.10
N ILE A 107 -12.59 27.62 14.95
CA ILE A 107 -12.51 27.02 16.28
C ILE A 107 -13.31 25.73 16.29
N PHE A 108 -12.60 24.60 16.39
CA PHE A 108 -13.28 23.31 16.45
C PHE A 108 -13.75 23.05 17.88
N ASP A 109 -15.07 22.98 18.05
CA ASP A 109 -15.67 22.81 19.37
C ASP A 109 -16.41 21.49 19.46
N PRO A 110 -15.90 20.57 20.29
CA PRO A 110 -16.51 19.24 20.49
C PRO A 110 -17.95 19.31 21.01
N SER A 111 -18.38 20.49 21.47
CA SER A 111 -19.75 20.69 21.94
C SER A 111 -20.72 20.94 20.79
N GLY A 112 -20.20 21.11 19.59
CA GLY A 112 -21.04 21.34 18.42
C GLY A 112 -21.01 22.77 17.92
N ASN A 113 -20.65 23.70 18.80
CA ASN A 113 -20.59 25.11 18.44
C ASN A 113 -19.26 25.52 17.80
N SER A 114 -18.83 24.77 16.80
CA SER A 114 -17.63 25.13 16.05
C SER A 114 -17.90 26.41 15.26
N ARG A 115 -16.87 27.25 15.14
CA ARG A 115 -17.05 28.57 14.55
C ARG A 115 -15.98 28.90 13.51
N THR A 116 -16.43 29.33 12.34
CA THR A 116 -15.53 29.71 11.25
C THR A 116 -15.67 31.19 10.91
N ARG A 117 -14.56 31.90 10.82
CA ARG A 117 -14.59 33.31 10.46
C ARG A 117 -13.79 33.62 9.18
N ILE A 118 -14.33 34.55 8.40
CA ILE A 118 -13.63 35.10 7.24
C ILE A 118 -13.32 36.58 7.48
N ASP A 119 -12.05 36.93 7.47
CA ASP A 119 -11.64 38.29 7.78
C ASP A 119 -11.58 39.17 6.54
N ILE A 120 -12.50 40.12 6.47
CA ILE A 120 -12.56 41.05 5.35
C ILE A 120 -11.35 41.98 5.33
N GLY A 121 -10.97 42.47 6.51
CA GLY A 121 -9.83 43.34 6.65
C GLY A 121 -8.55 42.71 6.15
N SER A 122 -8.36 41.43 6.44
CA SER A 122 -7.21 40.68 5.94
C SER A 122 -7.34 40.48 4.43
N PHE A 123 -8.54 40.14 3.99
CA PHE A 123 -8.81 39.94 2.57
C PHE A 123 -8.53 41.22 1.78
N ASN A 124 -8.98 42.35 2.32
CA ASN A 124 -8.75 43.63 1.67
C ASN A 124 -7.27 44.02 1.62
N ARG A 125 -6.51 43.58 2.61
CA ARG A 125 -5.10 43.94 2.68
C ARG A 125 -4.18 43.01 1.89
N ILE A 126 -4.29 41.71 2.12
CA ILE A 126 -3.23 40.78 1.73
C ILE A 126 -3.54 39.81 0.58
N VAL A 127 -4.77 39.81 0.08
CA VAL A 127 -5.18 38.82 -0.92
C VAL A 127 -4.33 38.85 -2.19
N MET A 128 -4.11 40.04 -2.75
CA MET A 128 -3.46 40.17 -4.06
C MET A 128 -1.94 40.03 -3.98
N ASN A 129 -1.41 39.84 -2.77
CA ASN A 129 0.03 39.86 -2.55
C ASN A 129 0.82 38.75 -3.24
N ASN A 130 0.12 37.72 -3.71
CA ASN A 130 0.78 36.63 -4.42
C ASN A 130 0.22 36.43 -5.83
N PHE A 131 -0.71 37.30 -6.21
CA PHE A 131 -1.39 37.21 -7.48
C PHE A 131 -0.43 37.27 -8.67
N GLU A 132 0.40 38.30 -8.71
CA GLU A 132 1.31 38.48 -9.83
C GLU A 132 2.48 37.51 -9.73
N LYS A 133 2.84 37.12 -8.51
CA LYS A 133 3.87 36.12 -8.30
C LYS A 133 3.44 34.77 -8.89
N LEU A 134 2.19 34.41 -8.63
CA LEU A 134 1.63 33.15 -9.13
C LEU A 134 1.43 33.17 -10.64
N LYS A 135 0.89 34.27 -11.15
CA LYS A 135 0.56 34.38 -12.57
C LYS A 135 1.80 34.25 -13.45
N SER A 136 2.94 34.66 -12.92
CA SER A 136 4.20 34.55 -13.65
C SER A 136 4.75 33.12 -13.56
N ARG A 137 4.51 32.46 -12.42
CA ARG A 137 4.94 31.08 -12.23
C ARG A 137 4.18 30.11 -13.13
N GLY A 138 3.11 30.59 -13.75
CA GLY A 138 2.24 29.74 -14.54
C GLY A 138 1.29 28.97 -13.64
N ALA A 139 1.26 29.37 -12.36
CA ALA A 139 0.44 28.70 -11.36
C ALA A 139 -1.04 29.06 -11.51
N ILE A 140 -1.29 30.27 -12.00
CA ILE A 140 -2.63 30.70 -12.37
C ILE A 140 -2.53 31.32 -13.77
N PRO A 141 -3.61 31.21 -14.57
CA PRO A 141 -3.56 31.70 -15.95
C PRO A 141 -3.27 33.19 -16.04
N ALA A 142 -2.45 33.59 -17.01
CA ALA A 142 -2.21 35.01 -17.27
C ALA A 142 -3.53 35.70 -17.55
N ASN A 143 -4.46 34.95 -18.12
CA ASN A 143 -5.81 35.41 -18.39
C ASN A 143 -6.59 35.85 -17.14
N MET A 144 -6.40 35.10 -16.06
CA MET A 144 -7.19 35.27 -14.83
C MET A 144 -7.28 36.72 -14.35
N SER A 145 -8.51 37.16 -14.12
CA SER A 145 -8.78 38.52 -13.66
C SER A 145 -8.55 38.64 -12.15
N PRO A 146 -8.33 39.88 -11.67
CA PRO A 146 -8.15 40.11 -10.23
C PRO A 146 -9.40 39.76 -9.41
N GLU A 147 -10.57 39.77 -10.05
CA GLU A 147 -11.80 39.39 -9.36
C GLU A 147 -11.89 37.89 -9.20
N GLU A 148 -11.55 37.16 -10.26
CA GLU A 148 -11.58 35.70 -10.24
C GLU A 148 -10.57 35.14 -9.23
N TYR A 149 -9.44 35.81 -9.10
CA TYR A 149 -8.42 35.39 -8.14
C TYR A 149 -8.92 35.52 -6.70
N ILE A 150 -9.65 36.60 -6.44
CA ILE A 150 -10.24 36.82 -5.12
C ILE A 150 -11.38 35.82 -4.88
N LYS A 151 -12.11 35.47 -5.94
CA LYS A 151 -13.09 34.40 -5.87
C LYS A 151 -12.40 33.08 -5.53
N LEU A 152 -11.29 32.83 -6.21
CA LEU A 152 -10.53 31.59 -6.04
C LEU A 152 -10.03 31.44 -4.60
N LYS A 153 -9.42 32.49 -4.06
CA LYS A 153 -8.88 32.47 -2.71
C LYS A 153 -9.97 32.31 -1.66
N LEU A 154 -11.13 32.92 -1.91
CA LEU A 154 -12.24 32.82 -0.97
C LEU A 154 -12.80 31.40 -0.93
N ARG A 155 -12.95 30.78 -2.10
CA ARG A 155 -13.43 29.41 -2.15
C ARG A 155 -12.48 28.45 -1.43
N ILE A 156 -11.19 28.57 -1.75
CA ILE A 156 -10.16 27.76 -1.12
C ILE A 156 -10.19 27.94 0.41
N THR A 157 -10.24 29.20 0.84
CA THR A 157 -10.30 29.52 2.27
C THR A 157 -11.50 28.87 2.96
N ILE A 158 -12.67 28.94 2.35
CA ILE A 158 -13.87 28.39 2.97
C ILE A 158 -13.84 26.87 3.04
N LYS A 159 -13.50 26.23 1.92
CA LYS A 159 -13.37 24.77 1.89
C LYS A 159 -12.34 24.28 2.89
N HIS A 160 -11.23 25.01 3.00
CA HIS A 160 -10.17 24.69 3.94
C HIS A 160 -10.67 24.79 5.39
N GLU A 161 -11.42 25.85 5.70
CA GLU A 161 -11.95 26.00 7.04
C GLU A 161 -13.02 24.92 7.32
N ILE A 162 -13.79 24.57 6.30
CA ILE A 162 -14.75 23.47 6.41
C ILE A 162 -14.04 22.19 6.86
N GLY A 163 -12.86 21.97 6.31
CA GLY A 163 -12.02 20.85 6.73
C GLY A 163 -11.80 20.87 8.23
N HIS A 164 -11.52 22.04 8.78
CA HIS A 164 -11.31 22.18 10.22
C HIS A 164 -12.62 21.86 10.96
N ILE A 165 -13.74 22.33 10.41
CA ILE A 165 -15.06 22.04 10.97
C ILE A 165 -15.29 20.54 11.04
N LEU A 166 -14.81 19.82 10.03
CA LEU A 166 -15.02 18.39 9.93
C LEU A 166 -13.94 17.58 10.65
N GLY A 167 -13.17 18.23 11.52
CA GLY A 167 -12.24 17.53 12.38
C GLY A 167 -10.82 17.37 11.88
N LEU A 168 -10.51 18.02 10.76
CA LEU A 168 -9.15 17.95 10.22
C LEU A 168 -8.26 19.08 10.73
N LEU A 169 -6.96 18.78 10.83
CA LEU A 169 -5.95 19.79 11.14
C LEU A 169 -5.06 19.96 9.91
N HIS A 170 -3.87 20.53 10.08
CA HIS A 170 -2.96 20.72 8.94
C HIS A 170 -2.10 19.49 8.69
N ASN A 171 -1.62 19.34 7.46
CA ASN A 171 -0.85 18.16 7.06
C ASN A 171 0.36 17.88 7.92
N ASN A 172 0.97 18.93 8.46
CA ASN A 172 2.21 18.76 9.20
C ASN A 172 2.03 18.83 10.71
N GLU A 173 0.80 18.62 11.17
CA GLU A 173 0.54 18.80 12.60
C GLU A 173 0.30 17.48 13.34
N GLY A 174 0.74 16.38 12.75
CA GLY A 174 0.75 15.10 13.45
C GLY A 174 1.61 15.18 14.71
N GLY A 175 1.03 14.82 15.84
CA GLY A 175 1.77 14.76 17.08
C GLY A 175 1.76 16.08 17.85
N SER A 176 1.33 17.14 17.20
CA SER A 176 1.30 18.46 17.83
C SER A 176 0.11 18.61 18.77
N TYR A 177 0.29 19.39 19.82
CA TYR A 177 -0.71 19.56 20.87
C TYR A 177 -1.66 20.72 20.58
N PHE A 178 -2.93 20.52 20.88
CA PHE A 178 -3.97 21.50 20.58
C PHE A 178 -4.91 21.65 21.78
N PRO A 179 -5.77 22.69 21.78
CA PRO A 179 -6.60 22.97 22.96
C PRO A 179 -7.41 21.78 23.45
N HIS A 180 -7.90 20.96 22.52
CA HIS A 180 -8.77 19.86 22.90
C HIS A 180 -8.10 18.51 22.73
N GLY A 181 -6.79 18.51 22.47
CA GLY A 181 -6.07 17.25 22.37
C GLY A 181 -4.81 17.31 21.52
N VAL A 182 -4.76 16.45 20.50
CA VAL A 182 -3.53 16.26 19.73
C VAL A 182 -3.86 15.84 18.30
N GLY A 183 -3.02 16.21 17.34
CA GLY A 183 -3.19 15.76 15.97
C GLY A 183 -2.65 14.36 15.78
N LEU A 184 -3.45 13.51 15.13
CA LEU A 184 -3.04 12.15 14.80
C LEU A 184 -3.36 11.87 13.34
N GLU A 185 -2.39 11.32 12.62
CA GLU A 185 -2.58 11.03 11.19
C GLU A 185 -3.73 10.05 10.99
N VAL A 186 -4.57 10.31 10.01
CA VAL A 186 -5.68 9.42 9.69
C VAL A 186 -5.66 9.09 8.19
N ALA A 187 -6.29 7.98 7.83
CA ALA A 187 -6.59 7.70 6.43
C ALA A 187 -5.37 7.68 5.50
N ARG A 188 -4.21 7.30 6.03
CA ARG A 188 -3.00 7.31 5.24
C ARG A 188 -3.13 6.49 3.97
N CYS A 189 -2.71 7.07 2.86
CA CYS A 189 -2.64 6.34 1.61
C CYS A 189 -1.55 6.94 0.74
N ARG A 190 -0.41 6.27 0.68
CA ARG A 190 0.70 6.74 -0.13
C ARG A 190 0.74 6.09 -1.51
N LEU A 191 -0.02 5.02 -1.68
CA LEU A 191 0.08 4.24 -2.91
C LEU A 191 -0.75 4.82 -4.05
N LEU A 192 -1.73 5.65 -3.72
CA LEU A 192 -2.59 6.24 -4.74
C LEU A 192 -2.19 7.69 -5.01
N ASN A 193 -1.74 7.99 -6.23
CA ASN A 193 -1.42 9.37 -6.57
C ASN A 193 -2.70 10.22 -6.57
N GLN A 194 -2.56 11.50 -6.29
CA GLN A 194 -3.70 12.40 -6.05
C GLN A 194 -3.20 13.83 -5.88
N ALA A 195 -4.12 14.79 -5.88
CA ALA A 195 -3.78 16.19 -5.67
C ALA A 195 -3.32 16.41 -4.23
N PRO A 196 -2.53 17.47 -4.00
CA PRO A 196 -2.20 17.84 -2.62
C PRO A 196 -3.46 18.10 -1.80
N SER A 197 -3.41 17.78 -0.51
CA SER A 197 -4.50 18.07 0.41
C SER A 197 -4.82 19.57 0.43
N ILE A 198 -6.10 19.91 0.55
CA ILE A 198 -6.49 21.31 0.72
C ILE A 198 -6.22 21.75 2.16
N MET A 199 -5.83 20.80 3.00
CA MET A 199 -5.53 21.10 4.40
C MET A 199 -4.03 21.30 4.63
N LEU A 200 -3.28 21.52 3.55
CA LEU A 200 -1.87 21.95 3.66
C LEU A 200 -1.76 23.12 4.63
N ASN A 201 -0.71 23.09 5.47
CA ASN A 201 -0.46 24.20 6.39
C ASN A 201 -0.10 25.45 5.59
N GLY A 202 -0.96 26.45 5.66
CA GLY A 202 -0.81 27.68 4.90
C GLY A 202 0.43 28.48 5.29
N SER A 203 0.96 28.22 6.48
CA SER A 203 2.19 28.88 6.90
C SER A 203 3.39 28.34 6.13
N ASN A 204 3.25 27.11 5.61
CA ASN A 204 4.38 26.39 5.01
C ASN A 204 4.20 26.09 3.53
N TYR A 205 2.97 26.25 3.03
CA TYR A 205 2.65 25.89 1.67
C TYR A 205 1.77 26.95 1.01
N ASP A 206 1.92 27.08 -0.30
CA ASP A 206 0.93 27.79 -1.10
C ASP A 206 0.14 26.74 -1.87
N TYR A 207 -1.11 26.53 -1.45
CA TYR A 207 -1.95 25.47 -2.00
C TYR A 207 -2.12 25.60 -3.52
N ILE A 208 -2.29 26.82 -4.00
CA ILE A 208 -2.43 27.07 -5.43
C ILE A 208 -1.15 26.67 -6.17
N ASP A 209 -0.02 27.06 -5.60
CA ASP A 209 1.28 26.72 -6.19
C ASP A 209 1.46 25.20 -6.24
N ARG A 210 1.13 24.52 -5.15
CA ARG A 210 1.33 23.08 -5.07
C ARG A 210 0.39 22.32 -6.00
N LEU A 211 -0.86 22.78 -6.07
CA LEU A 211 -1.84 22.18 -6.97
C LEU A 211 -1.40 22.36 -8.42
N SER A 212 -0.85 23.53 -8.72
CA SER A 212 -0.35 23.83 -10.06
C SER A 212 0.84 22.94 -10.43
N HIS A 213 1.68 22.67 -9.45
CA HIS A 213 2.84 21.80 -9.65
C HIS A 213 2.37 20.38 -9.94
N TYR A 214 1.29 19.98 -9.27
CA TYR A 214 0.70 18.66 -9.49
C TYR A 214 0.06 18.52 -10.87
N LEU A 215 -0.66 19.54 -11.30
CA LEU A 215 -1.41 19.47 -12.55
C LEU A 215 -0.57 19.79 -13.79
N GLU A 216 0.64 20.31 -13.57
CA GLU A 216 1.56 20.71 -14.64
C GLU A 216 0.97 21.81 -15.52
N ARG A 217 0.07 22.61 -14.94
CA ARG A 217 -0.59 23.68 -15.66
C ARG A 217 -1.23 24.64 -14.67
N PRO A 218 -1.61 25.85 -15.13
CA PRO A 218 -2.31 26.81 -14.27
C PRO A 218 -3.62 26.25 -13.69
N VAL A 219 -4.03 26.83 -12.56
CA VAL A 219 -5.13 26.30 -11.76
C VAL A 219 -6.42 27.12 -11.89
N THR A 220 -7.56 26.44 -11.91
CA THR A 220 -8.87 27.09 -11.89
C THR A 220 -9.70 26.60 -10.71
N GLU A 221 -10.87 27.22 -10.51
CA GLU A 221 -11.75 26.87 -9.40
C GLU A 221 -12.23 25.43 -9.48
N THR A 222 -12.41 24.94 -10.70
CA THR A 222 -12.91 23.58 -10.90
C THR A 222 -11.87 22.54 -10.46
N ASP A 223 -10.61 22.96 -10.37
CA ASP A 223 -9.52 22.06 -9.96
C ASP A 223 -9.44 21.89 -8.44
N ILE A 224 -9.67 22.98 -7.70
CA ILE A 224 -9.48 22.94 -6.25
C ILE A 224 -10.52 22.07 -5.56
N GLY A 225 -10.25 21.75 -4.29
CA GLY A 225 -11.17 20.95 -3.50
C GLY A 225 -10.45 19.92 -2.65
N PRO A 226 -11.21 19.19 -1.80
CA PRO A 226 -10.67 18.13 -0.96
C PRO A 226 -10.07 17.02 -1.81
N SER A 227 -8.91 16.53 -1.43
CA SER A 227 -8.27 15.44 -2.15
C SER A 227 -8.87 14.10 -1.75
N ARG A 228 -8.48 13.02 -2.43
CA ARG A 228 -8.96 11.69 -2.06
C ARG A 228 -8.70 11.42 -0.58
N ASN A 229 -7.49 11.70 -0.12
CA ASN A 229 -7.18 11.44 1.28
C ASN A 229 -7.94 12.39 2.21
N ASP A 230 -8.20 13.62 1.77
CA ASP A 230 -8.99 14.55 2.56
C ASP A 230 -10.37 13.96 2.84
N ILE A 231 -10.99 13.42 1.81
CA ILE A 231 -12.31 12.81 1.91
C ILE A 231 -12.27 11.60 2.85
N GLU A 232 -11.29 10.72 2.64
CA GLU A 232 -11.12 9.55 3.52
C GLU A 232 -10.88 9.95 4.97
N GLY A 233 -10.18 11.06 5.17
CA GLY A 233 -9.92 11.56 6.51
C GLY A 233 -11.21 11.92 7.25
N VAL A 234 -12.12 12.59 6.57
CA VAL A 234 -13.38 13.00 7.18
C VAL A 234 -14.26 11.77 7.43
N ARG A 235 -14.20 10.80 6.53
CA ARG A 235 -14.87 9.51 6.76
C ARG A 235 -14.43 8.89 8.07
N VAL A 236 -13.14 8.99 8.38
CA VAL A 236 -12.62 8.52 9.64
C VAL A 236 -13.21 9.35 10.79
N MET A 237 -13.20 10.66 10.64
CA MET A 237 -13.74 11.58 11.64
C MET A 237 -15.23 11.39 11.87
N ARG A 238 -15.93 10.85 10.88
CA ARG A 238 -17.36 10.60 10.97
C ARG A 238 -17.67 9.39 11.85
N ARG A 239 -16.67 8.57 12.15
CA ARG A 239 -16.92 7.40 12.98
C ARG A 239 -16.06 7.41 14.22
N GLY A 240 -15.04 8.28 14.23
CA GLY A 240 -14.16 8.42 15.37
C GLY A 240 -13.52 7.11 15.78
N GLY A 241 -13.33 6.94 17.07
CA GLY A 241 -12.65 5.76 17.60
C GLY A 241 -11.19 6.04 17.87
N SER A 242 -10.43 4.98 18.11
CA SER A 242 -9.01 5.10 18.45
C SER A 242 -8.20 5.60 17.26
N GLY A 243 -7.30 6.55 17.55
CA GLY A 243 -6.40 7.05 16.53
C GLY A 243 -5.35 6.01 16.22
N ASN A 244 -5.31 4.96 17.04
CA ASN A 244 -4.37 3.87 16.86
C ASN A 244 -4.95 2.70 16.05
N SER A 245 -6.27 2.74 15.84
CA SER A 245 -6.94 1.72 15.02
C SER A 245 -6.40 1.73 13.60
N PHE A 246 -6.09 0.54 13.07
CA PHE A 246 -5.55 0.44 11.70
C PHE A 246 -6.61 0.84 10.68
N THR A 247 -7.89 0.65 10.99
CA THR A 247 -8.91 1.05 10.04
C THR A 247 -8.97 2.58 9.97
N ASN A 248 -8.64 3.25 11.08
CA ASN A 248 -8.57 4.71 11.11
C ASN A 248 -7.26 5.26 10.54
N ARG A 249 -6.16 4.57 10.82
CA ARG A 249 -4.84 5.08 10.40
C ARG A 249 -4.57 4.96 8.91
N PHE A 250 -5.16 3.96 8.26
CA PHE A 250 -4.87 3.69 6.83
C PHE A 250 -6.13 3.64 6.00
N SER A 251 -6.08 4.18 4.78
CA SER A 251 -7.24 4.12 3.90
C SER A 251 -6.99 3.38 2.58
N CYS A 252 -5.79 2.83 2.38
CA CYS A 252 -5.60 1.96 1.21
C CYS A 252 -4.52 0.91 1.42
N LEU A 253 -4.38 0.41 2.64
CA LEU A 253 -3.32 -0.54 2.95
C LEU A 253 -3.58 -1.91 2.30
N GLY A 254 -4.83 -2.19 1.99
CA GLY A 254 -5.19 -3.40 1.26
C GLY A 254 -4.42 -3.54 -0.06
N LEU A 255 -4.03 -2.41 -0.65
CA LEU A 255 -3.27 -2.42 -1.90
C LEU A 255 -1.94 -3.14 -1.76
N GLY A 256 -1.44 -3.20 -0.52
CA GLY A 256 -0.23 -3.94 -0.22
C GLY A 256 -0.31 -5.39 -0.64
N LEU A 257 -1.52 -5.96 -0.63
CA LEU A 257 -1.66 -7.35 -1.01
C LEU A 257 -1.32 -7.58 -2.49
N ALA A 258 -1.32 -6.51 -3.27
CA ALA A 258 -1.14 -6.65 -4.73
C ALA A 258 0.33 -6.85 -5.09
N PHE A 259 1.18 -6.70 -4.08
CA PHE A 259 2.63 -6.82 -4.21
C PHE A 259 3.13 -8.24 -3.92
N MET B 1 -1.92 -18.72 -32.16
CA MET B 1 -2.77 -17.57 -31.90
C MET B 1 -2.76 -17.19 -30.42
N THR B 2 -2.12 -16.08 -30.11
CA THR B 2 -2.12 -15.58 -28.74
C THR B 2 -3.31 -14.61 -28.62
N PRO B 3 -4.21 -14.88 -27.67
CA PRO B 3 -5.39 -14.03 -27.42
C PRO B 3 -5.03 -12.59 -27.01
N GLN B 4 -5.92 -11.63 -27.29
CA GLN B 4 -5.72 -10.21 -26.96
C GLN B 4 -6.53 -9.78 -25.74
N ASN B 5 -7.43 -10.64 -25.28
CA ASN B 5 -8.40 -10.26 -24.25
C ASN B 5 -9.01 -11.52 -23.64
N ILE B 6 -9.79 -11.38 -22.58
CA ILE B 6 -10.26 -12.55 -21.84
C ILE B 6 -11.30 -13.35 -22.62
N THR B 7 -12.07 -12.69 -23.48
CA THR B 7 -13.10 -13.40 -24.22
C THR B 7 -12.46 -14.33 -25.24
N ASP B 8 -11.48 -13.82 -25.97
CA ASP B 8 -10.76 -14.65 -26.94
C ASP B 8 -10.06 -15.81 -26.23
N LEU B 9 -9.46 -15.53 -25.08
CA LEU B 9 -8.79 -16.56 -24.30
C LEU B 9 -9.78 -17.65 -23.87
N CYS B 10 -10.94 -17.22 -23.36
CA CYS B 10 -11.93 -18.16 -22.84
C CYS B 10 -12.45 -19.05 -23.96
N ASN B 11 -12.51 -18.48 -25.15
CA ASN B 11 -13.02 -19.21 -26.31
C ASN B 11 -12.03 -20.25 -26.84
N GLU B 12 -10.83 -20.30 -26.27
CA GLU B 12 -9.85 -21.29 -26.69
C GLU B 12 -9.99 -22.57 -25.87
N TYR B 13 -10.99 -22.61 -24.98
CA TYR B 13 -11.19 -23.77 -24.12
C TYR B 13 -12.62 -24.27 -24.16
N GLN B 14 -12.79 -25.59 -23.99
CA GLN B 14 -14.11 -26.18 -23.88
C GLN B 14 -14.61 -26.05 -22.45
N ASN B 15 -15.94 -26.08 -22.29
CA ASN B 15 -16.58 -26.06 -20.97
C ASN B 15 -16.26 -24.79 -20.19
N THR B 16 -16.03 -23.68 -20.88
CA THR B 16 -15.78 -22.41 -20.21
C THR B 16 -16.87 -21.41 -20.53
N MET B 17 -16.99 -20.40 -19.67
CA MET B 17 -17.99 -19.38 -19.79
C MET B 17 -17.44 -18.05 -19.29
N ILE B 18 -17.86 -16.95 -19.90
CA ILE B 18 -17.52 -15.64 -19.34
C ILE B 18 -18.65 -15.18 -18.42
N TYR B 19 -18.29 -14.74 -17.22
CA TYR B 19 -19.22 -14.07 -16.33
C TYR B 19 -18.85 -12.61 -16.27
N SER B 20 -19.79 -11.76 -16.64
CA SER B 20 -19.59 -10.32 -16.57
C SER B 20 -20.18 -9.88 -15.24
N LEU B 21 -19.32 -9.44 -14.33
CA LEU B 21 -19.74 -9.21 -12.95
C LEU B 21 -19.80 -7.73 -12.58
N ASN B 22 -18.67 -7.05 -12.74
CA ASN B 22 -18.52 -5.65 -12.29
C ASN B 22 -18.97 -5.43 -10.85
N LYS B 23 -18.50 -6.30 -9.96
CA LYS B 23 -18.77 -6.16 -8.53
C LYS B 23 -17.60 -6.65 -7.68
N GLU B 24 -17.57 -6.20 -6.43
CA GLU B 24 -16.57 -6.68 -5.47
C GLU B 24 -16.86 -8.08 -4.97
N ILE B 25 -15.81 -8.76 -4.55
CA ILE B 25 -15.95 -10.04 -3.87
C ILE B 25 -16.61 -9.83 -2.51
N ALA B 26 -17.66 -10.59 -2.22
CA ALA B 26 -18.37 -10.44 -0.96
C ALA B 26 -17.75 -11.28 0.16
N THR B 27 -17.33 -12.49 -0.18
CA THR B 27 -16.69 -13.36 0.80
C THR B 27 -15.49 -14.08 0.20
N TYR B 28 -14.44 -14.20 1.00
CA TYR B 28 -13.19 -14.85 0.64
C TYR B 28 -12.94 -15.97 1.63
N THR B 29 -12.75 -17.17 1.14
CA THR B 29 -12.51 -18.34 1.99
C THR B 29 -11.23 -19.02 1.55
N GLU B 30 -10.35 -19.29 2.50
CA GLU B 30 -9.05 -19.87 2.19
C GLU B 30 -8.81 -21.07 3.09
N SER B 31 -8.47 -22.22 2.50
CA SER B 31 -8.30 -23.45 3.27
C SER B 31 -6.93 -24.08 3.05
N LEU B 32 -6.29 -24.51 4.13
CA LEU B 32 -5.04 -25.27 4.06
C LEU B 32 -5.27 -26.75 4.42
N ALA B 33 -6.53 -27.10 4.68
CA ALA B 33 -6.87 -28.47 5.08
C ALA B 33 -6.47 -29.47 4.00
N GLY B 34 -5.92 -30.61 4.40
CA GLY B 34 -5.38 -31.58 3.45
C GLY B 34 -6.43 -32.08 2.46
N LYS B 35 -6.07 -32.06 1.18
CA LYS B 35 -6.94 -32.42 0.04
C LYS B 35 -7.98 -31.36 -0.28
N ARG B 36 -8.02 -30.29 0.51
CA ARG B 36 -8.90 -29.16 0.23
C ARG B 36 -8.11 -27.86 0.29
N GLU B 37 -6.91 -27.87 -0.28
CA GLU B 37 -6.05 -26.70 -0.29
C GLU B 37 -6.50 -25.77 -1.42
N MET B 38 -7.42 -24.87 -1.10
CA MET B 38 -8.15 -24.14 -2.12
C MET B 38 -8.62 -22.77 -1.62
N VAL B 39 -9.08 -21.95 -2.57
CA VAL B 39 -9.69 -20.67 -2.28
C VAL B 39 -11.06 -20.65 -2.93
N ILE B 40 -12.05 -20.13 -2.20
CA ILE B 40 -13.41 -19.99 -2.71
C ILE B 40 -13.81 -18.54 -2.56
N ILE B 41 -14.40 -17.95 -3.60
CA ILE B 41 -14.90 -16.59 -3.45
C ILE B 41 -16.38 -16.60 -3.82
N SER B 42 -17.14 -15.69 -3.22
CA SER B 42 -18.55 -15.57 -3.62
C SER B 42 -18.91 -14.12 -3.71
N PHE B 43 -19.97 -13.84 -4.47
CA PHE B 43 -20.46 -12.50 -4.65
C PHE B 43 -21.80 -12.40 -3.95
N SER B 44 -22.31 -11.19 -3.81
CA SER B 44 -23.51 -10.96 -3.01
C SER B 44 -24.77 -11.66 -3.56
N ASN B 45 -24.80 -11.95 -4.86
CA ASN B 45 -25.95 -12.65 -5.44
C ASN B 45 -25.84 -14.16 -5.30
N GLY B 46 -24.81 -14.61 -4.59
CA GLY B 46 -24.63 -16.02 -4.32
C GLY B 46 -23.73 -16.76 -5.30
N ALA B 47 -23.32 -16.10 -6.39
CA ALA B 47 -22.43 -16.72 -7.36
C ALA B 47 -21.09 -17.06 -6.70
N THR B 48 -20.65 -18.31 -6.87
CA THR B 48 -19.49 -18.82 -6.14
C THR B 48 -18.49 -19.43 -7.11
N PHE B 49 -17.20 -19.18 -6.86
CA PHE B 49 -16.11 -19.66 -7.71
C PHE B 49 -14.98 -20.21 -6.86
N GLN B 50 -14.20 -21.10 -7.43
CA GLN B 50 -13.04 -21.65 -6.74
C GLN B 50 -11.79 -21.50 -7.60
N VAL B 51 -10.64 -21.47 -6.92
CA VAL B 51 -9.40 -21.86 -7.54
C VAL B 51 -9.20 -23.29 -7.09
N GLU B 52 -9.11 -24.21 -8.02
CA GLU B 52 -9.10 -25.63 -7.68
C GLU B 52 -7.85 -26.05 -6.90
N VAL B 53 -8.02 -27.10 -6.10
CA VAL B 53 -6.91 -27.84 -5.52
C VAL B 53 -6.04 -28.31 -6.66
N PRO B 54 -4.71 -28.10 -6.56
CA PRO B 54 -3.86 -28.57 -7.66
C PRO B 54 -3.99 -30.08 -7.84
N GLY B 55 -4.10 -30.53 -9.08
CA GLY B 55 -4.31 -31.94 -9.33
C GLY B 55 -3.82 -32.39 -10.68
N SER B 56 -4.16 -33.62 -11.04
CA SER B 56 -3.67 -34.22 -12.26
C SER B 56 -4.21 -33.52 -13.51
N GLN B 57 -5.24 -32.70 -13.35
CA GLN B 57 -5.78 -31.97 -14.48
C GLN B 57 -4.91 -30.77 -14.84
N HIS B 58 -3.91 -30.47 -14.01
CA HIS B 58 -3.07 -29.28 -14.20
C HIS B 58 -1.70 -29.60 -14.79
N LEU B 59 -1.28 -28.83 -15.78
CA LEU B 59 0.08 -28.93 -16.31
C LEU B 59 1.04 -28.40 -15.27
N GLU B 60 2.31 -28.82 -15.35
CA GLU B 60 3.33 -28.25 -14.49
C GLU B 60 3.35 -26.73 -14.66
N SER B 61 3.12 -26.26 -15.88
CA SER B 61 3.11 -24.83 -16.18
C SER B 61 1.97 -24.06 -15.49
N GLN B 62 0.99 -24.79 -14.97
CA GLN B 62 -0.13 -24.15 -14.28
C GLN B 62 0.04 -24.03 -12.76
N LYS B 63 1.04 -24.69 -12.19
CA LYS B 63 1.16 -24.74 -10.73
C LYS B 63 1.41 -23.35 -10.13
N ARG B 64 2.38 -22.62 -10.66
CA ARG B 64 2.60 -21.26 -10.15
C ARG B 64 1.44 -20.30 -10.51
N PRO B 65 0.87 -20.40 -11.74
CA PRO B 65 -0.32 -19.58 -12.01
C PRO B 65 -1.51 -19.79 -11.07
N LEU B 66 -1.72 -21.01 -10.59
CA LEU B 66 -2.76 -21.24 -9.58
C LEU B 66 -2.48 -20.40 -8.34
N GLU B 67 -1.23 -20.36 -7.89
CA GLU B 67 -0.86 -19.59 -6.72
C GLU B 67 -0.98 -18.09 -6.99
N ARG B 68 -0.61 -17.66 -8.20
CA ARG B 68 -0.75 -16.25 -8.57
C ARG B 68 -2.22 -15.82 -8.53
N MET B 69 -3.12 -16.65 -9.05
CA MET B 69 -4.53 -16.30 -9.07
C MET B 69 -5.07 -16.16 -7.65
N LYS B 70 -4.67 -17.07 -6.76
CA LYS B 70 -5.10 -16.93 -5.37
C LYS B 70 -4.57 -15.64 -4.74
N ASP B 71 -3.33 -15.25 -5.08
CA ASP B 71 -2.80 -13.96 -4.62
C ASP B 71 -3.66 -12.81 -5.15
N THR B 72 -3.98 -12.85 -6.43
CA THR B 72 -4.77 -11.79 -7.04
C THR B 72 -6.16 -11.69 -6.42
N LEU B 73 -6.81 -12.83 -6.18
CA LEU B 73 -8.14 -12.80 -5.58
C LEU B 73 -8.11 -12.25 -4.15
N ARG B 74 -7.08 -12.62 -3.39
CA ARG B 74 -6.94 -12.11 -2.04
C ARG B 74 -6.76 -10.59 -2.05
N ALA B 75 -5.91 -10.10 -2.96
CA ALA B 75 -5.70 -8.67 -3.09
C ALA B 75 -7.00 -7.97 -3.50
N ALA B 76 -7.73 -8.57 -4.44
CA ALA B 76 -9.01 -7.99 -4.86
C ALA B 76 -9.96 -7.91 -3.67
N TYR B 77 -10.01 -8.97 -2.87
CA TYR B 77 -10.91 -8.94 -1.71
C TYR B 77 -10.52 -7.83 -0.74
N PHE B 78 -9.25 -7.79 -0.34
CA PHE B 78 -8.79 -6.82 0.66
C PHE B 78 -9.00 -5.37 0.21
N THR B 79 -8.87 -5.12 -1.09
CA THR B 79 -8.99 -3.76 -1.61
C THR B 79 -10.40 -3.39 -2.00
N GLY B 80 -11.27 -4.39 -2.14
CA GLY B 80 -12.65 -4.14 -2.50
C GLY B 80 -12.81 -3.67 -3.95
N ILE B 81 -11.86 -4.02 -4.81
CA ILE B 81 -11.96 -3.62 -6.21
C ILE B 81 -13.01 -4.46 -6.92
N LYS B 82 -13.62 -3.88 -7.93
CA LYS B 82 -14.61 -4.60 -8.69
C LYS B 82 -13.94 -5.59 -9.64
N ILE B 83 -14.48 -6.79 -9.72
CA ILE B 83 -14.04 -7.75 -10.71
C ILE B 83 -14.87 -7.51 -11.96
N SER B 84 -14.23 -7.32 -13.11
CA SER B 84 -14.95 -7.04 -14.34
C SER B 84 -15.55 -8.32 -14.92
N LYS B 85 -14.69 -9.31 -15.15
CA LYS B 85 -15.11 -10.58 -15.74
C LYS B 85 -14.33 -11.73 -15.14
N LEU B 86 -14.96 -12.89 -15.10
CA LEU B 86 -14.28 -14.15 -14.84
C LEU B 86 -14.53 -15.09 -16.01
N CYS B 87 -13.49 -15.79 -16.42
CA CYS B 87 -13.65 -16.94 -17.31
C CYS B 87 -13.57 -18.16 -16.41
N ALA B 88 -14.61 -18.99 -16.43
CA ALA B 88 -14.68 -20.10 -15.49
C ALA B 88 -15.09 -21.39 -16.17
N TRP B 89 -14.53 -22.50 -15.70
CA TRP B 89 -14.96 -23.82 -16.15
C TRP B 89 -16.28 -24.16 -15.47
N THR B 90 -17.25 -24.57 -16.27
CA THR B 90 -18.59 -24.88 -15.80
C THR B 90 -18.79 -26.34 -15.43
N ASN B 91 -17.77 -27.18 -15.65
CA ASN B 91 -17.87 -28.61 -15.32
C ASN B 91 -17.27 -28.91 -13.93
N LYS B 92 -17.27 -27.91 -13.08
CA LYS B 92 -16.86 -28.02 -11.67
C LYS B 92 -17.77 -27.20 -10.81
N SER B 93 -17.95 -27.60 -9.58
CA SER B 93 -18.72 -26.82 -8.65
C SER B 93 -17.96 -26.63 -7.34
N PRO B 94 -17.76 -25.42 -6.89
CA PRO B 94 -18.07 -24.19 -7.60
C PRO B 94 -17.41 -24.10 -8.98
N ASN B 95 -17.90 -23.25 -9.90
CA ASN B 95 -17.23 -23.03 -11.17
C ASN B 95 -15.77 -22.66 -10.90
N SER B 96 -14.87 -23.14 -11.75
CA SER B 96 -13.44 -23.04 -11.49
C SER B 96 -12.81 -21.93 -12.32
N ILE B 97 -12.09 -21.03 -11.67
CA ILE B 97 -11.56 -19.85 -12.36
C ILE B 97 -10.37 -20.18 -13.27
N ALA B 98 -10.51 -19.78 -14.53
CA ALA B 98 -9.45 -19.93 -15.53
C ALA B 98 -8.72 -18.63 -15.79
N ALA B 99 -9.45 -17.51 -15.73
CA ALA B 99 -8.87 -16.20 -15.99
C ALA B 99 -9.73 -15.13 -15.35
N ILE B 100 -9.13 -13.97 -15.11
CA ILE B 100 -9.82 -12.85 -14.49
C ILE B 100 -9.49 -11.58 -15.27
N GLU B 101 -10.47 -10.68 -15.36
CA GLU B 101 -10.27 -9.37 -15.93
C GLU B 101 -10.63 -8.31 -14.92
N LEU B 102 -9.73 -7.36 -14.71
CA LEU B 102 -10.00 -6.17 -13.91
C LEU B 102 -9.97 -4.96 -14.82
N SER B 103 -10.97 -4.10 -14.73
CA SER B 103 -11.05 -2.98 -15.66
C SER B 103 -11.51 -1.72 -14.94
N ASN B 104 -10.93 -0.57 -15.25
CA ASN B 104 -11.28 0.66 -14.52
C ASN B 104 -11.97 1.72 -15.34
N LEU B 105 -12.03 2.92 -14.79
CA LEU B 105 -12.65 4.11 -15.39
C LEU B 105 -12.56 4.16 -16.89
N MET C 1 28.67 -2.84 -22.76
CA MET C 1 28.46 -1.99 -21.59
C MET C 1 27.11 -2.28 -20.93
N THR C 2 26.95 -1.78 -19.73
CA THR C 2 25.68 -1.88 -19.02
C THR C 2 24.90 -0.59 -19.30
N PRO C 3 23.66 -0.77 -19.74
CA PRO C 3 22.71 0.32 -20.00
C PRO C 3 22.46 1.13 -18.72
N GLN C 4 22.10 2.40 -18.88
CA GLN C 4 21.85 3.27 -17.73
C GLN C 4 20.34 3.50 -17.55
N ASN C 5 19.57 3.05 -18.54
CA ASN C 5 18.16 3.38 -18.59
C ASN C 5 17.46 2.46 -19.59
N ILE C 6 16.15 2.59 -19.68
CA ILE C 6 15.36 1.64 -20.47
C ILE C 6 15.64 1.80 -21.97
N THR C 7 16.01 3.00 -22.41
CA THR C 7 16.26 3.22 -23.83
C THR C 7 17.55 2.51 -24.23
N ASP C 8 18.59 2.64 -23.40
CA ASP C 8 19.85 1.94 -23.61
C ASP C 8 19.58 0.44 -23.67
N LEU C 9 18.78 -0.06 -22.72
CA LEU C 9 18.47 -1.49 -22.64
C LEU C 9 17.78 -1.97 -23.90
N CYS C 10 16.77 -1.19 -24.30
CA CYS C 10 15.95 -1.57 -25.43
C CYS C 10 16.78 -1.60 -26.71
N ASN C 11 17.79 -0.73 -26.77
CA ASN C 11 18.66 -0.68 -27.95
C ASN C 11 19.65 -1.84 -28.01
N GLU C 12 19.68 -2.68 -26.97
CA GLU C 12 20.54 -3.85 -26.96
C GLU C 12 19.88 -5.09 -27.55
N TYR C 13 18.63 -4.95 -28.02
CA TYR C 13 17.87 -6.08 -28.55
C TYR C 13 17.31 -5.77 -29.93
N GLN C 14 17.19 -6.81 -30.75
CA GLN C 14 16.52 -6.70 -32.04
C GLN C 14 15.00 -6.80 -31.84
N ASN C 15 14.24 -6.22 -32.77
CA ASN C 15 12.77 -6.31 -32.78
C ASN C 15 12.11 -5.71 -31.55
N THR C 16 12.72 -4.69 -30.96
CA THR C 16 12.12 -4.01 -29.81
C THR C 16 11.83 -2.57 -30.13
N MET C 17 10.93 -1.98 -29.37
CA MET C 17 10.61 -0.58 -29.54
C MET C 17 10.24 0.02 -28.19
N ILE C 18 10.57 1.30 -28.02
CA ILE C 18 10.16 2.04 -26.82
C ILE C 18 8.83 2.68 -27.12
N TYR C 19 7.88 2.47 -26.22
CA TYR C 19 6.60 3.15 -26.27
C TYR C 19 6.52 4.08 -25.08
N SER C 20 6.29 5.37 -25.32
N SER C 20 6.32 5.37 -25.32
CA SER C 20 6.11 6.32 -24.24
CA SER C 20 6.12 6.34 -24.25
C SER C 20 4.63 6.47 -23.98
C SER C 20 4.63 6.46 -23.99
N LEU C 21 4.19 6.06 -22.80
CA LEU C 21 2.75 5.97 -22.52
C LEU C 21 2.25 7.06 -21.59
N ASN C 22 2.89 7.20 -20.43
CA ASN C 22 2.44 8.13 -19.40
C ASN C 22 0.94 7.97 -19.15
N LYS C 23 0.53 6.72 -18.96
CA LYS C 23 -0.86 6.37 -18.73
C LYS C 23 -0.95 5.23 -17.74
N GLU C 24 -2.07 5.14 -17.03
CA GLU C 24 -2.23 4.00 -16.14
CA GLU C 24 -2.35 4.04 -16.11
C GLU C 24 -2.89 2.86 -16.90
N ILE C 25 -2.74 1.65 -16.38
CA ILE C 25 -3.33 0.48 -17.03
C ILE C 25 -4.85 0.55 -16.94
N ALA C 26 -5.53 0.39 -18.07
CA ALA C 26 -6.99 0.42 -18.09
C ALA C 26 -7.60 -0.95 -17.82
N THR C 27 -6.97 -1.99 -18.35
N THR C 27 -6.99 -1.99 -18.38
CA THR C 27 -7.48 -3.34 -18.15
CA THR C 27 -7.50 -3.36 -18.17
C THR C 27 -6.35 -4.30 -17.85
C THR C 27 -6.36 -4.32 -17.86
N TYR C 28 -6.58 -5.19 -16.88
CA TYR C 28 -5.60 -6.18 -16.46
C TYR C 28 -6.25 -7.54 -16.61
N THR C 29 -5.62 -8.44 -17.37
CA THR C 29 -6.16 -9.78 -17.59
C THR C 29 -5.11 -10.81 -17.20
N GLU C 30 -5.51 -11.78 -16.37
CA GLU C 30 -4.60 -12.79 -15.87
C GLU C 30 -5.21 -14.16 -16.09
N SER C 31 -4.45 -15.07 -16.71
CA SER C 31 -4.93 -16.40 -17.05
C SER C 31 -4.06 -17.51 -16.47
N LEU C 32 -4.69 -18.54 -15.91
CA LEU C 32 -3.97 -19.73 -15.47
C LEU C 32 -4.31 -20.92 -16.37
N ALA C 33 -5.11 -20.67 -17.40
CA ALA C 33 -5.51 -21.76 -18.29
C ALA C 33 -4.29 -22.37 -18.97
N GLY C 34 -4.28 -23.70 -19.09
CA GLY C 34 -3.11 -24.42 -19.59
C GLY C 34 -2.69 -24.00 -20.98
N LYS C 35 -1.39 -23.73 -21.14
CA LYS C 35 -0.77 -23.24 -22.39
C LYS C 35 -1.05 -21.75 -22.65
N ARG C 36 -1.84 -21.12 -21.78
CA ARG C 36 -2.07 -19.67 -21.88
C ARG C 36 -1.87 -19.02 -20.52
N GLU C 37 -0.81 -19.42 -19.82
CA GLU C 37 -0.49 -18.88 -18.50
C GLU C 37 0.23 -17.55 -18.67
N MET C 38 -0.55 -16.47 -18.69
CA MET C 38 -0.05 -15.19 -19.13
C MET C 38 -0.82 -14.02 -18.52
N VAL C 39 -0.28 -12.83 -18.70
CA VAL C 39 -0.93 -11.59 -18.30
C VAL C 39 -1.00 -10.69 -19.52
N ILE C 40 -2.15 -10.03 -19.69
CA ILE C 40 -2.34 -9.07 -20.77
C ILE C 40 -2.80 -7.76 -20.14
N ILE C 41 -2.21 -6.64 -20.57
CA ILE C 41 -2.67 -5.32 -20.12
C ILE C 41 -3.05 -4.47 -21.33
N SER C 42 -3.99 -3.55 -21.13
CA SER C 42 -4.28 -2.60 -22.18
C SER C 42 -4.50 -1.23 -21.56
N PHE C 43 -4.31 -0.21 -22.40
CA PHE C 43 -4.47 1.18 -22.00
C PHE C 43 -5.73 1.75 -22.61
N SER C 44 -6.13 2.96 -22.19
CA SER C 44 -7.40 3.53 -22.65
C SER C 44 -7.43 3.76 -24.17
N ASN C 45 -6.25 3.90 -24.79
CA ASN C 45 -6.19 4.10 -26.23
C ASN C 45 -6.18 2.77 -27.00
N GLY C 46 -6.39 1.67 -26.30
CA GLY C 46 -6.49 0.37 -26.93
C GLY C 46 -5.15 -0.36 -27.02
N ALA C 47 -4.07 0.34 -26.69
CA ALA C 47 -2.74 -0.27 -26.80
C ALA C 47 -2.64 -1.47 -25.88
N THR C 48 -2.23 -2.62 -26.43
CA THR C 48 -2.26 -3.87 -25.66
C THR C 48 -0.90 -4.56 -25.64
N PHE C 49 -0.52 -5.10 -24.48
CA PHE C 49 0.77 -5.76 -24.29
C PHE C 49 0.57 -7.06 -23.53
N GLN C 50 1.50 -7.99 -23.70
CA GLN C 50 1.48 -9.24 -22.94
C GLN C 50 2.80 -9.46 -22.19
N VAL C 51 2.73 -10.22 -21.11
CA VAL C 51 3.90 -10.95 -20.64
C VAL C 51 3.70 -12.34 -21.20
N GLU C 52 4.66 -12.81 -21.98
CA GLU C 52 4.48 -14.08 -22.70
C GLU C 52 4.40 -15.28 -21.77
N VAL C 53 3.68 -16.31 -22.23
CA VAL C 53 3.76 -17.65 -21.63
C VAL C 53 5.23 -18.07 -21.63
N PRO C 54 5.74 -18.58 -20.48
CA PRO C 54 7.14 -19.03 -20.46
C PRO C 54 7.38 -20.12 -21.49
N GLY C 55 8.47 -20.03 -22.24
CA GLY C 55 8.70 -21.00 -23.30
C GLY C 55 10.16 -21.15 -23.67
N SER C 56 10.44 -21.82 -24.78
CA SER C 56 11.82 -22.09 -25.18
C SER C 56 12.58 -20.83 -25.59
N GLN C 57 11.87 -19.73 -25.82
CA GLN C 57 12.54 -18.46 -26.15
C GLN C 57 13.12 -17.81 -24.89
N HIS C 58 12.83 -18.37 -23.72
CA HIS C 58 13.29 -17.77 -22.46
C HIS C 58 14.44 -18.54 -21.87
N LEU C 59 15.47 -17.82 -21.44
CA LEU C 59 16.56 -18.41 -20.69
C LEU C 59 16.06 -18.81 -19.31
N GLU C 60 16.75 -19.74 -18.67
CA GLU C 60 16.45 -20.06 -17.28
C GLU C 60 16.50 -18.79 -16.41
N SER C 61 17.44 -17.90 -16.71
CA SER C 61 17.59 -16.65 -15.96
C SER C 61 16.40 -15.70 -16.12
N GLN C 62 15.54 -15.97 -17.09
CA GLN C 62 14.37 -15.12 -17.31
C GLN C 62 13.11 -15.62 -16.62
N LYS C 63 13.14 -16.83 -16.07
CA LYS C 63 11.93 -17.41 -15.50
C LYS C 63 11.39 -16.62 -14.31
N ARG C 64 12.26 -16.32 -13.33
CA ARG C 64 11.81 -15.49 -12.21
C ARG C 64 11.50 -14.06 -12.63
N PRO C 65 12.32 -13.44 -13.52
CA PRO C 65 11.94 -12.12 -14.01
C PRO C 65 10.56 -12.06 -14.72
N LEU C 66 10.15 -13.11 -15.43
CA LEU C 66 8.79 -13.10 -15.99
C LEU C 66 7.75 -12.95 -14.88
N GLU C 67 7.95 -13.68 -13.78
CA GLU C 67 7.02 -13.64 -12.67
C GLU C 67 7.08 -12.27 -11.97
N ARG C 68 8.29 -11.71 -11.87
CA ARG C 68 8.43 -10.39 -11.24
C ARG C 68 7.65 -9.35 -12.03
N MET C 69 7.77 -9.39 -13.36
CA MET C 69 7.08 -8.41 -14.21
C MET C 69 5.58 -8.53 -14.03
N LYS C 70 5.06 -9.76 -13.97
CA LYS C 70 3.63 -9.94 -13.76
C LYS C 70 3.20 -9.38 -12.39
N ASP C 71 4.03 -9.56 -11.37
CA ASP C 71 3.77 -8.95 -10.05
C ASP C 71 3.74 -7.42 -10.15
N THR C 72 4.73 -6.87 -10.83
CA THR C 72 4.82 -5.41 -11.01
C THR C 72 3.61 -4.85 -11.75
N LEU C 73 3.18 -5.51 -12.82
CA LEU C 73 2.01 -5.04 -13.58
C LEU C 73 0.72 -5.12 -12.75
N ARG C 74 0.57 -6.18 -11.97
CA ARG C 74 -0.61 -6.26 -11.10
C ARG C 74 -0.62 -5.13 -10.09
N ALA C 75 0.53 -4.86 -9.46
CA ALA C 75 0.63 -3.74 -8.52
C ALA C 75 0.36 -2.44 -9.23
N ALA C 76 0.88 -2.29 -10.45
CA ALA C 76 0.64 -1.07 -11.22
C ALA C 76 -0.86 -0.89 -11.50
N TYR C 77 -1.53 -1.97 -11.90
CA TYR C 77 -2.97 -1.87 -12.16
C TYR C 77 -3.74 -1.45 -10.90
N PHE C 78 -3.50 -2.14 -9.79
CA PHE C 78 -4.22 -1.87 -8.53
C PHE C 78 -4.03 -0.44 -8.01
N THR C 79 -2.82 0.09 -8.15
CA THR C 79 -2.51 1.42 -7.61
C THR C 79 -2.82 2.51 -8.63
N GLY C 80 -3.04 2.12 -9.88
CA GLY C 80 -3.34 3.08 -10.92
C GLY C 80 -2.14 3.96 -11.25
N ILE C 81 -0.95 3.44 -11.02
CA ILE C 81 0.23 4.26 -11.23
C ILE C 81 0.44 4.49 -12.73
N LYS C 82 0.95 5.64 -13.12
CA LYS C 82 1.20 5.84 -14.55
C LYS C 82 2.44 5.08 -14.98
N ILE C 83 2.33 4.39 -16.10
CA ILE C 83 3.48 3.77 -16.71
C ILE C 83 4.14 4.77 -17.65
N SER C 84 5.43 5.02 -17.45
CA SER C 84 6.14 6.01 -18.25
CA SER C 84 6.12 6.01 -18.27
C SER C 84 6.50 5.45 -19.62
N LYS C 85 7.23 4.34 -19.62
CA LYS C 85 7.65 3.71 -20.88
C LYS C 85 7.58 2.20 -20.78
N LEU C 86 7.32 1.55 -21.91
CA LEU C 86 7.53 0.11 -22.04
C LEU C 86 8.51 -0.13 -23.16
N CYS C 87 9.43 -1.07 -22.96
CA CYS C 87 10.25 -1.60 -24.05
C CYS C 87 9.57 -2.91 -24.41
N ALA C 88 9.17 -3.08 -25.66
CA ALA C 88 8.42 -4.28 -26.04
C ALA C 88 8.94 -4.89 -27.33
N TRP C 89 8.88 -6.21 -27.41
CA TRP C 89 9.17 -6.92 -28.66
C TRP C 89 7.98 -6.74 -29.60
N THR C 90 8.25 -6.31 -30.83
CA THR C 90 7.19 -6.03 -31.80
C THR C 90 6.91 -7.25 -32.67
N ASN C 91 7.70 -8.31 -32.51
CA ASN C 91 7.51 -9.50 -33.32
C ASN C 91 6.59 -10.50 -32.61
N LYS C 92 5.76 -9.99 -31.71
CA LYS C 92 4.72 -10.80 -31.08
C LYS C 92 3.42 -10.02 -31.11
N SER C 93 2.31 -10.74 -31.07
CA SER C 93 1.00 -10.12 -31.01
C SER C 93 0.21 -10.74 -29.87
N PRO C 94 -0.15 -9.93 -28.84
CA PRO C 94 0.20 -8.52 -28.60
C PRO C 94 1.71 -8.31 -28.49
N ASN C 95 2.21 -7.09 -28.69
CA ASN C 95 3.61 -6.81 -28.38
C ASN C 95 3.94 -7.31 -26.96
N SER C 96 5.17 -7.81 -26.81
CA SER C 96 5.57 -8.52 -25.61
C SER C 96 6.51 -7.67 -24.74
N ILE C 97 6.21 -7.54 -23.45
CA ILE C 97 6.98 -6.63 -22.59
C ILE C 97 8.36 -7.18 -22.24
N ALA C 98 9.40 -6.39 -22.54
CA ALA C 98 10.78 -6.69 -22.18
C ALA C 98 11.23 -5.91 -20.95
N ALA C 99 10.76 -4.68 -20.83
CA ALA C 99 11.13 -3.82 -19.69
C ALA C 99 10.10 -2.74 -19.46
N ILE C 100 10.06 -2.21 -18.23
CA ILE C 100 9.11 -1.17 -17.89
C ILE C 100 9.82 -0.04 -17.16
N GLU C 101 9.38 1.18 -17.41
CA GLU C 101 9.89 2.34 -16.66
C GLU C 101 8.74 3.04 -15.99
N LEU C 102 8.87 3.27 -14.69
CA LEU C 102 7.92 4.09 -13.95
C LEU C 102 8.68 5.33 -13.49
N SER C 103 8.11 6.51 -13.72
CA SER C 103 8.84 7.73 -13.40
C SER C 103 7.94 8.79 -12.80
N ASN C 104 8.40 9.50 -11.77
CA ASN C 104 7.55 10.57 -11.26
C ASN C 104 8.14 11.94 -11.60
N LEU C 105 9.23 11.91 -12.36
CA LEU C 105 9.82 13.12 -12.94
C LEU C 105 8.95 13.67 -14.06
N MET D 1 33.95 -7.48 16.89
CA MET D 1 33.15 -6.36 16.41
C MET D 1 32.33 -6.76 15.19
N THR D 2 31.04 -6.94 15.42
CA THR D 2 30.06 -7.30 14.39
C THR D 2 29.38 -6.03 13.84
N PRO D 3 29.03 -6.00 12.53
CA PRO D 3 28.44 -4.75 12.01
C PRO D 3 27.10 -4.41 12.65
N GLN D 4 26.89 -3.12 12.94
CA GLN D 4 25.70 -2.67 13.65
C GLN D 4 24.77 -1.85 12.77
N ASN D 5 25.28 -1.48 11.60
CA ASN D 5 24.60 -0.50 10.76
C ASN D 5 25.17 -0.55 9.34
N ILE D 6 24.62 0.25 8.44
CA ILE D 6 25.01 0.14 7.03
C ILE D 6 26.46 0.62 6.82
N THR D 7 26.91 1.56 7.63
CA THR D 7 28.29 2.04 7.49
C THR D 7 29.28 0.94 7.88
N ASP D 8 29.00 0.25 8.99
CA ASP D 8 29.84 -0.87 9.41
C ASP D 8 29.88 -1.93 8.29
N LEU D 9 28.71 -2.24 7.75
CA LEU D 9 28.61 -3.26 6.70
C LEU D 9 29.43 -2.87 5.47
N CYS D 10 29.26 -1.62 5.05
CA CYS D 10 29.90 -1.16 3.83
C CYS D 10 31.42 -1.20 4.01
N ASN D 11 31.87 -0.96 5.25
CA ASN D 11 33.30 -0.96 5.51
C ASN D 11 33.92 -2.36 5.54
N GLU D 12 33.08 -3.38 5.45
CA GLU D 12 33.59 -4.75 5.39
C GLU D 12 33.87 -5.22 3.97
N TYR D 13 33.70 -4.32 3.00
CA TYR D 13 33.88 -4.67 1.58
C TYR D 13 34.84 -3.71 0.87
N GLN D 14 35.55 -4.22 -0.13
CA GLN D 14 36.37 -3.37 -1.00
C GLN D 14 35.49 -2.75 -2.10
N ASN D 15 35.91 -1.60 -2.60
CA ASN D 15 35.23 -0.93 -3.73
C ASN D 15 33.80 -0.54 -3.43
N THR D 16 33.49 -0.24 -2.17
CA THR D 16 32.13 0.21 -1.88
C THR D 16 32.14 1.62 -1.32
N MET D 17 31.02 2.30 -1.45
CA MET D 17 30.90 3.62 -0.86
C MET D 17 29.48 3.86 -0.36
N ILE D 18 29.34 4.66 0.69
CA ILE D 18 28.03 5.03 1.18
C ILE D 18 27.56 6.29 0.46
N TYR D 19 26.34 6.23 -0.07
CA TYR D 19 25.69 7.37 -0.72
C TYR D 19 24.51 7.76 0.14
N SER D 20 24.47 9.02 0.56
CA SER D 20 23.38 9.53 1.36
C SER D 20 22.40 10.31 0.48
N LEU D 21 21.15 9.85 0.42
CA LEU D 21 20.17 10.40 -0.50
C LEU D 21 19.08 11.22 0.21
N ASN D 22 18.42 10.60 1.18
CA ASN D 22 17.25 11.19 1.85
C ASN D 22 16.26 11.71 0.83
N LYS D 23 16.00 10.88 -0.17
CA LYS D 23 15.09 11.20 -1.27
C LYS D 23 14.32 9.97 -1.71
N GLU D 24 13.15 10.19 -2.28
CA GLU D 24 12.41 9.09 -2.88
C GLU D 24 13.03 8.71 -4.22
N ILE D 25 12.81 7.48 -4.66
CA ILE D 25 13.23 7.07 -6.00
C ILE D 25 12.44 7.84 -7.03
N ALA D 26 13.14 8.45 -7.99
CA ALA D 26 12.49 9.24 -9.04
C ALA D 26 12.09 8.38 -10.24
N THR D 27 12.94 7.42 -10.59
N THR D 27 12.95 7.43 -10.61
CA THR D 27 12.66 6.54 -11.72
CA THR D 27 12.64 6.53 -11.72
C THR D 27 12.98 5.08 -11.35
C THR D 27 12.98 5.09 -11.37
N TYR D 28 12.08 4.16 -11.71
CA TYR D 28 12.24 2.73 -11.45
C TYR D 28 12.14 2.01 -12.79
N THR D 29 13.16 1.23 -13.14
CA THR D 29 13.22 0.50 -14.41
C THR D 29 13.47 -0.96 -14.12
N GLU D 30 12.64 -1.83 -14.70
CA GLU D 30 12.75 -3.26 -14.44
C GLU D 30 12.78 -3.99 -15.77
N SER D 31 13.77 -4.86 -15.99
CA SER D 31 13.92 -5.58 -17.26
C SER D 31 13.91 -7.09 -17.08
N LEU D 32 13.17 -7.79 -17.94
CA LEU D 32 13.25 -9.25 -17.96
C LEU D 32 14.00 -9.75 -19.21
N ALA D 33 14.53 -8.83 -20.00
CA ALA D 33 15.23 -9.23 -21.23
C ALA D 33 16.44 -10.10 -20.90
N GLY D 34 16.67 -11.14 -21.69
CA GLY D 34 17.70 -12.12 -21.41
C GLY D 34 19.09 -11.53 -21.35
N LYS D 35 19.82 -11.86 -20.27
CA LYS D 35 21.16 -11.32 -19.94
C LYS D 35 21.11 -9.89 -19.40
N ARG D 36 19.92 -9.31 -19.34
CA ARG D 36 19.74 -8.01 -18.70
C ARG D 36 18.59 -8.05 -17.69
N GLU D 37 18.53 -9.12 -16.91
CA GLU D 37 17.45 -9.27 -15.92
C GLU D 37 17.84 -8.49 -14.67
N MET D 38 17.45 -7.21 -14.63
CA MET D 38 18.02 -6.29 -13.65
C MET D 38 17.02 -5.18 -13.34
N VAL D 39 17.33 -4.42 -12.31
CA VAL D 39 16.57 -3.24 -11.92
C VAL D 39 17.53 -2.06 -11.88
N ILE D 40 17.09 -0.91 -12.40
CA ILE D 40 17.85 0.33 -12.34
C ILE D 40 16.98 1.39 -11.68
N ILE D 41 17.53 2.12 -10.72
CA ILE D 41 16.80 3.23 -10.11
C ILE D 41 17.60 4.51 -10.25
N SER D 42 16.91 5.64 -10.28
N SER D 42 16.90 5.64 -10.26
CA SER D 42 17.59 6.93 -10.27
CA SER D 42 17.55 6.93 -10.29
C SER D 42 16.83 7.90 -9.38
C SER D 42 16.84 7.88 -9.33
N PHE D 43 17.56 8.90 -8.90
CA PHE D 43 17.00 9.92 -8.03
C PHE D 43 16.93 11.23 -8.80
N SER D 44 16.27 12.24 -8.24
CA SER D 44 16.05 13.48 -8.99
C SER D 44 17.36 14.21 -9.31
N ASN D 45 18.40 13.95 -8.53
CA ASN D 45 19.70 14.60 -8.79
C ASN D 45 20.52 13.87 -9.83
N GLY D 46 19.93 12.82 -10.40
CA GLY D 46 20.59 12.07 -11.46
C GLY D 46 21.38 10.86 -11.02
N ALA D 47 21.56 10.69 -9.72
CA ALA D 47 22.30 9.54 -9.22
C ALA D 47 21.58 8.25 -9.60
N THR D 48 22.32 7.32 -10.18
CA THR D 48 21.72 6.11 -10.75
C THR D 48 22.39 4.88 -10.15
N PHE D 49 21.60 3.86 -9.83
CA PHE D 49 22.09 2.62 -9.22
C PHE D 49 21.42 1.41 -9.88
N GLN D 50 22.06 0.25 -9.78
CA GLN D 50 21.45 -0.99 -10.28
C GLN D 50 21.45 -2.06 -9.20
N VAL D 51 20.54 -3.01 -9.34
CA VAL D 51 20.72 -4.34 -8.77
C VAL D 51 21.21 -5.21 -9.92
N GLU D 52 22.38 -5.79 -9.77
CA GLU D 52 23.01 -6.50 -10.87
C GLU D 52 22.25 -7.73 -11.32
N VAL D 53 22.42 -8.06 -12.59
CA VAL D 53 22.06 -9.36 -13.13
C VAL D 53 22.77 -10.42 -12.30
N PRO D 54 22.05 -11.46 -11.85
CA PRO D 54 22.75 -12.53 -11.10
C PRO D 54 23.84 -13.17 -11.95
N GLY D 55 25.01 -13.40 -11.36
CA GLY D 55 26.12 -13.94 -12.12
C GLY D 55 27.13 -14.66 -11.24
N SER D 56 28.28 -14.97 -11.83
CA SER D 56 29.31 -15.74 -11.14
C SER D 56 29.93 -14.97 -9.97
N GLN D 57 29.72 -13.66 -9.93
CA GLN D 57 30.23 -12.86 -8.81
C GLN D 57 29.37 -13.04 -7.55
N HIS D 58 28.25 -13.74 -7.67
CA HIS D 58 27.34 -13.90 -6.53
C HIS D 58 27.42 -15.29 -5.91
N LEU D 59 27.48 -15.33 -4.58
CA LEU D 59 27.33 -16.58 -3.85
C LEU D 59 25.91 -17.11 -4.00
N GLU D 60 25.72 -18.41 -3.80
CA GLU D 60 24.37 -18.98 -3.78
C GLU D 60 23.52 -18.26 -2.72
N SER D 61 24.16 -17.91 -1.60
CA SER D 61 23.48 -17.22 -0.50
C SER D 61 23.02 -15.80 -0.87
N GLN D 62 23.50 -15.27 -1.99
CA GLN D 62 23.08 -13.94 -2.42
C GLN D 62 21.90 -13.95 -3.39
N LYS D 63 21.51 -15.13 -3.87
CA LYS D 63 20.49 -15.19 -4.92
C LYS D 63 19.13 -14.68 -4.43
N ARG D 64 18.66 -15.17 -3.29
CA ARG D 64 17.39 -14.67 -2.73
C ARG D 64 17.53 -13.21 -2.24
N PRO D 65 18.65 -12.84 -1.59
CA PRO D 65 18.79 -11.41 -1.26
C PRO D 65 18.74 -10.45 -2.46
N LEU D 66 19.26 -10.84 -3.63
CA LEU D 66 19.12 -10.02 -4.85
C LEU D 66 17.63 -9.79 -5.16
N GLU D 67 16.84 -10.84 -5.05
CA GLU D 67 15.40 -10.71 -5.31
C GLU D 67 14.71 -9.88 -4.23
N ARG D 68 15.13 -10.05 -2.98
CA ARG D 68 14.56 -9.25 -1.89
C ARG D 68 14.82 -7.75 -2.11
N MET D 69 16.06 -7.41 -2.51
CA MET D 69 16.41 -5.99 -2.71
C MET D 69 15.56 -5.40 -3.83
N LYS D 70 15.36 -6.14 -4.91
CA LYS D 70 14.51 -5.64 -5.99
C LYS D 70 13.07 -5.44 -5.48
N ASP D 71 12.59 -6.33 -4.63
CA ASP D 71 11.26 -6.19 -4.01
C ASP D 71 11.21 -4.90 -3.17
N THR D 72 12.25 -4.69 -2.35
CA THR D 72 12.28 -3.51 -1.48
C THR D 72 12.30 -2.21 -2.31
N LEU D 73 13.10 -2.20 -3.37
CA LEU D 73 13.18 -1.00 -4.20
C LEU D 73 11.86 -0.70 -4.91
N ARG D 74 11.19 -1.74 -5.41
CA ARG D 74 9.89 -1.55 -6.04
C ARG D 74 8.89 -1.02 -5.03
N ALA D 75 8.87 -1.60 -3.83
CA ALA D 75 7.92 -1.13 -2.82
C ALA D 75 8.22 0.31 -2.43
N ALA D 76 9.50 0.66 -2.30
CA ALA D 76 9.87 2.03 -1.98
C ALA D 76 9.39 2.98 -3.08
N TYR D 77 9.62 2.58 -4.32
CA TYR D 77 9.19 3.44 -5.43
C TYR D 77 7.68 3.68 -5.38
N PHE D 78 6.89 2.61 -5.29
CA PHE D 78 5.42 2.74 -5.31
C PHE D 78 4.90 3.58 -4.12
N THR D 79 5.53 3.45 -2.97
CA THR D 79 5.05 4.14 -1.76
C THR D 79 5.62 5.56 -1.64
N GLY D 80 6.65 5.84 -2.42
CA GLY D 80 7.26 7.16 -2.41
C GLY D 80 8.03 7.49 -1.15
N ILE D 81 8.48 6.46 -0.43
CA ILE D 81 9.23 6.70 0.80
C ILE D 81 10.69 7.09 0.53
N LYS D 82 11.27 7.84 1.45
CA LYS D 82 12.64 8.27 1.27
C LYS D 82 13.63 7.15 1.52
N ILE D 83 14.61 7.06 0.63
CA ILE D 83 15.77 6.21 0.84
C ILE D 83 16.82 7.02 1.59
N SER D 84 17.29 6.51 2.72
CA SER D 84 18.28 7.24 3.50
C SER D 84 19.68 7.09 2.92
N LYS D 85 20.14 5.84 2.83
CA LYS D 85 21.49 5.56 2.33
C LYS D 85 21.50 4.33 1.46
N LEU D 86 22.43 4.31 0.51
CA LEU D 86 22.76 3.10 -0.24
C LEU D 86 24.24 2.84 -0.05
N CYS D 87 24.59 1.57 0.15
CA CYS D 87 25.98 1.14 0.04
C CYS D 87 26.10 0.51 -1.33
N ALA D 88 27.02 1.00 -2.16
CA ALA D 88 27.11 0.51 -3.53
C ALA D 88 28.55 0.29 -3.95
N TRP D 89 28.73 -0.72 -4.81
CA TRP D 89 30.02 -0.99 -5.43
C TRP D 89 30.30 0.02 -6.54
N THR D 90 31.50 0.60 -6.52
CA THR D 90 31.85 1.64 -7.46
C THR D 90 32.47 1.05 -8.74
N ASN D 91 32.73 -0.26 -8.73
CA ASN D 91 33.37 -0.89 -9.89
C ASN D 91 32.36 -1.51 -10.87
N LYS D 92 31.13 -1.02 -10.83
CA LYS D 92 30.09 -1.36 -11.79
C LYS D 92 29.41 -0.06 -12.25
N SER D 93 28.83 -0.05 -13.44
CA SER D 93 28.12 1.12 -13.91
C SER D 93 26.77 0.73 -14.49
N PRO D 94 25.68 1.23 -13.92
CA PRO D 94 25.54 2.09 -12.73
C PRO D 94 26.13 1.45 -11.47
N ASN D 95 26.44 2.26 -10.47
CA ASN D 95 26.90 1.75 -9.19
C ASN D 95 25.96 0.66 -8.70
N SER D 96 26.51 -0.41 -8.13
CA SER D 96 25.71 -1.60 -7.84
C SER D 96 25.34 -1.70 -6.37
N ILE D 97 24.06 -1.87 -6.08
CA ILE D 97 23.60 -1.80 -4.68
C ILE D 97 24.00 -3.02 -3.87
N ALA D 98 24.68 -2.78 -2.75
CA ALA D 98 25.04 -3.83 -1.80
C ALA D 98 24.11 -3.85 -0.59
N ALA D 99 23.66 -2.66 -0.17
CA ALA D 99 22.80 -2.53 1.00
C ALA D 99 22.02 -1.23 0.95
N ILE D 100 20.90 -1.20 1.66
CA ILE D 100 20.04 -0.03 1.70
C ILE D 100 19.67 0.27 3.15
N GLU D 101 19.53 1.56 3.47
CA GLU D 101 19.05 1.99 4.76
C GLU D 101 17.84 2.88 4.55
N LEU D 102 16.75 2.58 5.24
CA LEU D 102 15.58 3.45 5.28
C LEU D 102 15.47 3.97 6.69
N SER D 103 15.25 5.27 6.83
CA SER D 103 15.24 5.89 8.15
C SER D 103 14.10 6.91 8.20
N ASN D 104 13.37 6.94 9.30
CA ASN D 104 12.30 7.91 9.43
C ASN D 104 12.72 9.01 10.39
N LEU D 105 13.72 8.69 11.22
CA LEU D 105 14.45 9.64 12.07
C LEU D 105 14.52 11.04 11.47
N MET E 1 5.74 -26.75 25.96
CA MET E 1 5.28 -27.76 25.02
C MET E 1 4.13 -27.22 24.17
N THR E 2 3.31 -26.37 24.77
CA THR E 2 2.23 -25.69 24.06
C THR E 2 2.26 -24.20 24.38
N PRO E 3 3.22 -23.47 23.78
CA PRO E 3 3.29 -22.03 24.02
C PRO E 3 2.04 -21.31 23.48
N GLN E 4 1.59 -20.29 24.21
CA GLN E 4 0.39 -19.55 23.84
C GLN E 4 0.68 -18.12 23.41
N ASN E 5 1.93 -17.70 23.61
CA ASN E 5 2.30 -16.30 23.48
C ASN E 5 3.82 -16.15 23.44
N ILE E 6 4.31 -14.93 23.26
CA ILE E 6 5.73 -14.73 23.04
C ILE E 6 6.52 -14.99 24.34
N THR E 7 5.89 -14.81 25.50
CA THR E 7 6.59 -15.05 26.76
C THR E 7 6.86 -16.55 26.90
N ASP E 8 5.84 -17.37 26.60
CA ASP E 8 6.00 -18.82 26.62
C ASP E 8 7.09 -19.26 25.66
N LEU E 9 7.07 -18.72 24.44
CA LEU E 9 8.04 -19.08 23.43
C LEU E 9 9.45 -18.75 23.87
N CYS E 10 9.62 -17.54 24.38
CA CYS E 10 10.95 -17.06 24.75
C CYS E 10 11.50 -17.90 25.90
N ASN E 11 10.61 -18.37 26.77
CA ASN E 11 11.03 -19.24 27.87
C ASN E 11 11.34 -20.67 27.45
N GLU E 12 11.10 -21.01 26.18
CA GLU E 12 11.45 -22.34 25.70
C GLU E 12 12.87 -22.39 25.14
N TYR E 13 13.59 -21.27 25.20
CA TYR E 13 14.94 -21.19 24.65
C TYR E 13 15.92 -20.62 25.66
N GLN E 14 17.16 -21.08 25.60
CA GLN E 14 18.21 -20.51 26.42
C GLN E 14 18.72 -19.24 25.76
N ASN E 15 19.27 -18.36 26.57
CA ASN E 15 19.96 -17.14 26.10
C ASN E 15 19.06 -16.16 25.36
N THR E 16 17.80 -16.07 25.74
CA THR E 16 16.91 -15.09 25.14
C THR E 16 16.43 -14.05 26.15
N MET E 17 16.03 -12.88 25.65
CA MET E 17 15.49 -11.81 26.48
C MET E 17 14.34 -11.16 25.74
N ILE E 18 13.37 -10.67 26.50
CA ILE E 18 12.23 -9.91 25.97
C ILE E 18 12.49 -8.41 26.02
N TYR E 19 12.20 -7.72 24.93
CA TYR E 19 12.18 -6.26 24.91
C TYR E 19 10.76 -5.77 24.62
N SER E 20 10.21 -4.97 25.53
CA SER E 20 8.89 -4.36 25.33
C SER E 20 9.14 -2.99 24.75
N LEU E 21 8.75 -2.80 23.50
CA LEU E 21 9.16 -1.62 22.76
C LEU E 21 8.00 -0.66 22.60
N ASN E 22 6.91 -1.18 22.04
CA ASN E 22 5.75 -0.36 21.72
C ASN E 22 6.18 0.89 20.94
N LYS E 23 7.03 0.67 19.94
CA LYS E 23 7.56 1.74 19.11
C LYS E 23 7.62 1.26 17.68
N GLU E 24 7.57 2.19 16.74
CA GLU E 24 7.79 1.82 15.35
C GLU E 24 9.28 1.65 15.12
N ILE E 25 9.63 0.89 14.09
CA ILE E 25 11.03 0.78 13.68
C ILE E 25 11.52 2.13 13.17
N ALA E 26 12.65 2.60 13.71
CA ALA E 26 13.20 3.89 13.31
C ALA E 26 14.13 3.77 12.09
N THR E 27 14.92 2.70 12.04
N THR E 27 14.95 2.73 12.06
CA THR E 27 15.83 2.48 10.93
CA THR E 27 15.83 2.48 10.92
C THR E 27 15.78 1.02 10.49
C THR E 27 15.77 1.02 10.48
N TYR E 28 15.73 0.82 9.17
CA TYR E 28 15.67 -0.50 8.57
C TYR E 28 16.84 -0.61 7.60
N THR E 29 17.68 -1.64 7.79
CA THR E 29 18.86 -1.82 6.95
C THR E 29 18.85 -3.23 6.39
N GLU E 30 19.03 -3.34 5.07
CA GLU E 30 18.96 -4.63 4.38
C GLU E 30 20.19 -4.79 3.51
N SER E 31 20.88 -5.92 3.63
CA SER E 31 22.12 -6.13 2.91
C SER E 31 22.10 -7.40 2.07
N LEU E 32 22.57 -7.33 0.83
CA LEU E 32 22.72 -8.53 0.02
C LEU E 32 24.20 -8.87 -0.20
N ALA E 33 25.10 -8.13 0.44
CA ALA E 33 26.54 -8.37 0.30
C ALA E 33 26.87 -9.77 0.80
N GLY E 34 27.76 -10.45 0.08
CA GLY E 34 28.08 -11.85 0.34
C GLY E 34 28.62 -12.05 1.74
N LYS E 35 28.06 -13.03 2.45
CA LYS E 35 28.36 -13.37 3.85
C LYS E 35 27.73 -12.40 4.85
N ARG E 36 27.06 -11.36 4.36
CA ARG E 36 26.32 -10.44 5.24
C ARG E 36 24.90 -10.23 4.74
N GLU E 37 24.25 -11.32 4.33
CA GLU E 37 22.90 -11.25 3.79
C GLU E 37 21.92 -11.24 4.96
N MET E 38 21.60 -10.05 5.44
CA MET E 38 20.95 -9.87 6.72
C MET E 38 20.14 -8.59 6.75
N VAL E 39 19.32 -8.48 7.78
CA VAL E 39 18.55 -7.28 8.05
C VAL E 39 18.87 -6.81 9.47
N ILE E 40 19.04 -5.50 9.64
CA ILE E 40 19.25 -4.90 10.94
C ILE E 40 18.19 -3.83 11.15
N ILE E 41 17.56 -3.81 12.32
CA ILE E 41 16.59 -2.75 12.61
C ILE E 41 17.00 -2.04 13.90
N SER E 42 16.64 -0.77 14.02
CA SER E 42 16.89 -0.08 15.30
C SER E 42 15.70 0.81 15.67
N PHE E 43 15.57 1.11 16.95
CA PHE E 43 14.47 1.93 17.46
C PHE E 43 14.98 3.30 17.91
N SER E 44 14.07 4.22 18.25
CA SER E 44 14.46 5.62 18.50
C SER E 44 15.41 5.76 19.68
N ASN E 45 15.33 4.81 20.61
CA ASN E 45 16.21 4.78 21.79
C ASN E 45 17.54 4.06 21.55
N GLY E 46 17.79 3.63 20.31
CA GLY E 46 19.05 2.99 20.01
C GLY E 46 19.07 1.47 20.10
N ALA E 47 17.99 0.86 20.59
CA ALA E 47 17.92 -0.59 20.67
C ALA E 47 18.00 -1.16 19.25
N THR E 48 18.91 -2.12 19.04
CA THR E 48 19.24 -2.63 17.72
C THR E 48 19.12 -4.16 17.69
N PHE E 49 18.57 -4.69 16.60
CA PHE E 49 18.36 -6.13 16.43
C PHE E 49 18.71 -6.58 15.02
N GLN E 50 19.01 -7.86 14.85
CA GLN E 50 19.22 -8.41 13.50
C GLN E 50 18.37 -9.62 13.25
N VAL E 51 18.11 -9.90 11.97
CA VAL E 51 17.79 -11.25 11.56
C VAL E 51 19.08 -11.83 11.00
N GLU E 52 19.54 -12.93 11.57
CA GLU E 52 20.87 -13.46 11.22
C GLU E 52 21.01 -13.93 9.79
N VAL E 53 22.25 -13.86 9.29
CA VAL E 53 22.63 -14.56 8.07
C VAL E 53 22.31 -16.04 8.26
N PRO E 54 21.66 -16.69 7.28
CA PRO E 54 21.39 -18.12 7.42
C PRO E 54 22.69 -18.88 7.59
N GLY E 55 22.73 -19.82 8.53
CA GLY E 55 23.97 -20.53 8.77
C GLY E 55 23.77 -21.90 9.39
N SER E 56 24.86 -22.50 9.86
CA SER E 56 24.80 -23.86 10.39
C SER E 56 24.02 -23.92 11.71
N GLN E 57 23.80 -22.77 12.35
CA GLN E 57 23.02 -22.75 13.59
C GLN E 57 21.51 -22.88 13.29
N HIS E 58 21.15 -22.86 12.01
CA HIS E 58 19.74 -22.92 11.64
C HIS E 58 19.32 -24.27 11.11
N LEU E 59 18.17 -24.76 11.59
CA LEU E 59 17.55 -25.94 11.00
C LEU E 59 17.03 -25.63 9.60
N GLU E 60 16.87 -26.66 8.78
CA GLU E 60 16.24 -26.47 7.47
C GLU E 60 14.86 -25.84 7.63
N SER E 61 14.16 -26.22 8.70
CA SER E 61 12.82 -25.70 8.98
C SER E 61 12.81 -24.22 9.33
N GLN E 62 13.99 -23.65 9.61
CA GLN E 62 14.09 -22.23 9.90
C GLN E 62 14.42 -21.34 8.69
N LYS E 63 14.74 -21.94 7.56
CA LYS E 63 15.18 -21.16 6.40
C LYS E 63 14.09 -20.23 5.87
N ARG E 64 12.89 -20.77 5.62
CA ARG E 64 11.79 -19.93 5.18
C ARG E 64 11.32 -18.95 6.29
N PRO E 65 11.26 -19.40 7.56
CA PRO E 65 10.94 -18.44 8.64
C PRO E 65 11.88 -17.25 8.75
N LEU E 66 13.17 -17.42 8.47
CA LEU E 66 14.08 -16.28 8.45
C LEU E 66 13.62 -15.26 7.40
N GLU E 67 13.22 -15.75 6.23
CA GLU E 67 12.75 -14.87 5.17
C GLU E 67 11.42 -14.22 5.55
N ARG E 68 10.54 -14.97 6.19
CA ARG E 68 9.26 -14.42 6.63
C ARG E 68 9.48 -13.27 7.62
N MET E 69 10.39 -13.46 8.57
CA MET E 69 10.63 -12.43 9.57
C MET E 69 11.15 -11.15 8.91
N LYS E 70 12.05 -11.30 7.93
CA LYS E 70 12.54 -10.13 7.21
C LYS E 70 11.39 -9.44 6.45
N ASP E 71 10.48 -10.24 5.87
CA ASP E 71 9.29 -9.66 5.25
C ASP E 71 8.44 -8.88 6.27
N THR E 72 8.23 -9.48 7.44
CA THR E 72 7.41 -8.85 8.47
C THR E 72 8.05 -7.54 8.94
N LEU E 73 9.36 -7.54 9.16
CA LEU E 73 10.02 -6.33 9.62
C LEU E 73 9.98 -5.22 8.58
N ARG E 74 10.17 -5.58 7.32
CA ARG E 74 10.08 -4.59 6.24
C ARG E 74 8.66 -3.99 6.17
N ALA E 75 7.64 -4.84 6.24
CA ALA E 75 6.26 -4.36 6.22
C ALA E 75 5.98 -3.42 7.40
N ALA E 76 6.45 -3.80 8.59
CA ALA E 76 6.29 -2.96 9.77
C ALA E 76 6.97 -1.60 9.57
N TYR E 77 8.18 -1.62 9.03
CA TYR E 77 8.88 -0.35 8.79
C TYR E 77 8.08 0.54 7.83
N PHE E 78 7.69 -0.01 6.69
CA PHE E 78 6.99 0.77 5.66
C PHE E 78 5.68 1.37 6.19
N THR E 79 4.96 0.61 7.02
CA THR E 79 3.66 1.07 7.48
C THR E 79 3.71 1.87 8.78
N GLY E 80 4.82 1.80 9.48
CA GLY E 80 4.90 2.47 10.77
C GLY E 80 4.09 1.79 11.87
N ILE E 81 3.89 0.49 11.74
CA ILE E 81 3.18 -0.27 12.75
C ILE E 81 4.10 -0.41 13.96
N LYS E 82 3.55 -0.34 15.15
CA LYS E 82 4.36 -0.46 16.35
C LYS E 82 4.70 -1.91 16.64
N ILE E 83 5.95 -2.14 17.01
CA ILE E 83 6.38 -3.44 17.49
C ILE E 83 6.12 -3.49 19.00
N SER E 84 5.37 -4.48 19.47
CA SER E 84 5.06 -4.59 20.89
C SER E 84 6.23 -5.19 21.64
N LYS E 85 6.63 -6.39 21.22
CA LYS E 85 7.75 -7.06 21.87
C LYS E 85 8.61 -7.79 20.86
N LEU E 86 9.90 -7.90 21.18
CA LEU E 86 10.81 -8.80 20.49
C LEU E 86 11.42 -9.75 21.51
N CYS E 87 11.48 -11.04 21.16
CA CYS E 87 12.26 -12.03 21.89
C CYS E 87 13.54 -12.21 21.11
N ALA E 88 14.70 -12.01 21.75
CA ALA E 88 15.94 -12.07 21.00
C ALA E 88 17.02 -12.84 21.74
N TRP E 89 17.87 -13.53 20.96
CA TRP E 89 19.05 -14.19 21.49
C TRP E 89 20.09 -13.15 21.85
N THR E 90 20.67 -13.23 23.04
CA THR E 90 21.60 -12.22 23.49
C THR E 90 23.05 -12.54 23.14
N ASN E 91 23.29 -13.74 22.62
CA ASN E 91 24.67 -14.16 22.33
C ASN E 91 25.08 -13.86 20.89
N LYS E 92 24.39 -12.90 20.29
CA LYS E 92 24.76 -12.37 18.97
C LYS E 92 24.76 -10.86 19.09
N SER E 93 25.52 -10.18 18.23
CA SER E 93 25.54 -8.72 18.23
C SER E 93 25.34 -8.15 16.83
N PRO E 94 24.26 -7.40 16.58
CA PRO E 94 23.11 -7.04 17.43
C PRO E 94 22.37 -8.27 17.93
N ASN E 95 21.59 -8.12 18.99
CA ASN E 95 20.75 -9.21 19.47
C ASN E 95 19.94 -9.80 18.30
N SER E 96 19.76 -11.12 18.30
CA SER E 96 19.20 -11.80 17.13
C SER E 96 17.74 -12.15 17.35
N ILE E 97 16.88 -11.75 16.43
CA ILE E 97 15.43 -11.90 16.66
C ILE E 97 14.98 -13.36 16.53
N ALA E 98 14.31 -13.85 17.56
CA ALA E 98 13.71 -15.19 17.58
C ALA E 98 12.20 -15.12 17.34
N ALA E 99 11.56 -14.09 17.87
CA ALA E 99 10.12 -13.95 17.71
C ALA E 99 9.70 -12.50 17.87
N ILE E 100 8.55 -12.17 17.29
CA ILE E 100 8.03 -10.82 17.35
C ILE E 100 6.56 -10.86 17.75
N GLU E 101 6.15 -9.86 18.51
CA GLU E 101 4.73 -9.67 18.84
C GLU E 101 4.30 -8.29 18.39
N LEU E 102 3.20 -8.25 17.65
CA LEU E 102 2.53 -7.01 17.29
C LEU E 102 1.19 -6.99 17.99
N SER E 103 0.86 -5.88 18.64
CA SER E 103 -0.36 -5.80 19.44
C SER E 103 -1.00 -4.43 19.25
N ASN E 104 -2.32 -4.37 19.13
CA ASN E 104 -2.98 -3.08 18.97
C ASN E 104 -3.68 -2.71 20.27
N LEU E 105 -4.01 -3.73 21.06
CA LEU E 105 -4.49 -3.59 22.43
C LEU E 105 -3.94 -2.36 23.16
N MET F 1 -18.22 -34.37 -2.46
CA MET F 1 -18.31 -33.26 -3.39
C MET F 1 -17.45 -32.11 -2.89
N THR F 2 -17.14 -31.17 -3.78
CA THR F 2 -16.38 -29.99 -3.39
C THR F 2 -17.28 -29.05 -2.57
N PRO F 3 -16.81 -28.68 -1.38
CA PRO F 3 -17.49 -27.75 -0.47
C PRO F 3 -17.69 -26.38 -1.12
N GLN F 4 -18.70 -25.65 -0.70
CA GLN F 4 -19.02 -24.37 -1.25
C GLN F 4 -18.68 -23.22 -0.34
N ASN F 5 -18.31 -23.54 0.87
CA ASN F 5 -18.14 -22.55 1.91
C ASN F 5 -17.37 -23.14 3.11
N ILE F 6 -17.04 -22.31 4.08
CA ILE F 6 -16.14 -22.77 5.14
C ILE F 6 -16.82 -23.80 6.04
N THR F 7 -18.14 -23.72 6.19
CA THR F 7 -18.84 -24.65 7.05
C THR F 7 -18.85 -26.07 6.45
N ASP F 8 -19.14 -26.17 5.15
CA ASP F 8 -19.09 -27.45 4.45
C ASP F 8 -17.69 -28.04 4.54
N LEU F 9 -16.69 -27.18 4.33
CA LEU F 9 -15.31 -27.61 4.36
C LEU F 9 -14.94 -28.14 5.74
N CYS F 10 -15.34 -27.40 6.77
CA CYS F 10 -14.98 -27.76 8.14
C CYS F 10 -15.60 -29.10 8.54
N ASN F 11 -16.78 -29.37 7.99
CA ASN F 11 -17.49 -30.61 8.28
C ASN F 11 -16.89 -31.83 7.57
N GLU F 12 -15.91 -31.61 6.71
CA GLU F 12 -15.27 -32.71 6.02
C GLU F 12 -14.09 -33.27 6.84
N TYR F 13 -13.88 -32.72 8.02
CA TYR F 13 -12.74 -33.09 8.86
C TYR F 13 -13.18 -33.43 10.29
N GLN F 14 -12.45 -34.36 10.91
CA GLN F 14 -12.70 -34.68 12.31
C GLN F 14 -11.99 -33.69 13.22
N ASN F 15 -12.50 -33.53 14.44
CA ASN F 15 -11.87 -32.70 15.46
C ASN F 15 -11.77 -31.23 15.06
N THR F 16 -12.72 -30.75 14.26
CA THR F 16 -12.73 -29.35 13.88
C THR F 16 -13.96 -28.64 14.41
N MET F 17 -13.87 -27.32 14.51
CA MET F 17 -14.99 -26.51 14.93
C MET F 17 -14.95 -25.18 14.19
N ILE F 18 -16.13 -24.62 13.91
CA ILE F 18 -16.23 -23.31 13.31
C ILE F 18 -16.33 -22.30 14.45
N TYR F 19 -15.51 -21.24 14.36
CA TYR F 19 -15.60 -20.12 15.30
C TYR F 19 -16.08 -18.89 14.55
N SER F 20 -17.22 -18.34 14.97
CA SER F 20 -17.71 -17.11 14.34
C SER F 20 -17.23 -15.94 15.14
N LEU F 21 -16.39 -15.13 14.53
CA LEU F 21 -15.68 -14.09 15.27
C LEU F 21 -16.19 -12.68 14.96
N ASN F 22 -16.18 -12.32 13.68
N ASN F 22 -16.18 -12.29 13.68
CA ASN F 22 -16.48 -10.96 13.24
CA ASN F 22 -16.51 -10.93 13.28
C ASN F 22 -15.70 -9.94 14.06
C ASN F 22 -15.68 -9.91 14.06
N LYS F 23 -14.40 -10.19 14.21
CA LYS F 23 -13.51 -9.31 14.96
C LYS F 23 -12.15 -9.20 14.29
N GLU F 24 -11.45 -8.10 14.53
CA GLU F 24 -10.07 -7.96 14.04
C GLU F 24 -9.10 -8.72 14.94
N ILE F 25 -7.95 -9.10 14.40
CA ILE F 25 -6.89 -9.68 15.21
C ILE F 25 -6.32 -8.66 16.18
N ALA F 26 -6.25 -9.01 17.46
CA ALA F 26 -5.73 -8.13 18.49
C ALA F 26 -4.22 -8.26 18.65
N THR F 27 -3.72 -9.48 18.60
CA THR F 27 -2.27 -9.69 18.70
C THR F 27 -1.80 -10.70 17.68
N TYR F 28 -0.64 -10.42 17.10
CA TYR F 28 -0.02 -11.27 16.11
C TYR F 28 1.37 -11.61 16.61
N THR F 29 1.67 -12.90 16.69
CA THR F 29 2.97 -13.36 17.18
C THR F 29 3.59 -14.30 16.16
N GLU F 30 4.85 -14.03 15.81
CA GLU F 30 5.52 -14.81 14.77
C GLU F 30 6.89 -15.26 15.28
N SER F 31 7.17 -16.56 15.16
CA SER F 31 8.41 -17.12 15.69
C SER F 31 9.20 -17.84 14.61
N LEU F 32 10.51 -17.61 14.57
CA LEU F 32 11.39 -18.35 13.67
C LEU F 32 12.29 -19.33 14.44
N ALA F 33 12.10 -19.40 15.76
CA ALA F 33 12.93 -20.26 16.61
C ALA F 33 12.77 -21.73 16.21
N GLY F 34 13.87 -22.48 16.25
CA GLY F 34 13.87 -23.86 15.78
C GLY F 34 12.89 -24.75 16.53
N LYS F 35 12.09 -25.49 15.76
CA LYS F 35 11.02 -26.37 16.26
C LYS F 35 9.77 -25.61 16.72
N ARG F 36 9.82 -24.29 16.66
CA ARG F 36 8.66 -23.45 16.95
C ARG F 36 8.44 -22.42 15.84
N GLU F 37 8.57 -22.86 14.59
CA GLU F 37 8.41 -21.97 13.47
C GLU F 37 6.92 -21.84 13.17
N MET F 38 6.29 -20.85 13.79
CA MET F 38 4.84 -20.80 13.85
C MET F 38 4.32 -19.39 14.01
N VAL F 39 3.01 -19.25 13.83
CA VAL F 39 2.32 -17.99 14.05
C VAL F 39 1.18 -18.23 15.03
N ILE F 40 1.01 -17.31 15.96
CA ILE F 40 -0.08 -17.34 16.92
C ILE F 40 -0.84 -16.04 16.83
N ILE F 41 -2.17 -16.11 16.78
CA ILE F 41 -2.98 -14.90 16.81
C ILE F 41 -3.96 -14.97 17.96
N SER F 42 -4.34 -13.81 18.48
N SER F 42 -4.32 -13.81 18.51
CA SER F 42 -5.36 -13.75 19.51
CA SER F 42 -5.37 -13.78 19.52
C SER F 42 -6.34 -12.61 19.25
C SER F 42 -6.34 -12.63 19.25
N PHE F 43 -7.54 -12.75 19.78
CA PHE F 43 -8.58 -11.74 19.62
C PHE F 43 -8.83 -11.09 20.98
N SER F 44 -9.60 -10.01 21.00
CA SER F 44 -9.79 -9.22 22.22
C SER F 44 -10.47 -9.99 23.36
N ASN F 45 -11.26 -11.01 23.02
CA ASN F 45 -11.93 -11.82 24.03
C ASN F 45 -11.03 -12.94 24.56
N GLY F 46 -9.78 -12.97 24.11
CA GLY F 46 -8.83 -13.95 24.58
C GLY F 46 -8.70 -15.19 23.72
N ALA F 47 -9.57 -15.35 22.72
CA ALA F 47 -9.51 -16.50 21.84
C ALA F 47 -8.18 -16.53 21.09
N THR F 48 -7.51 -17.68 21.13
CA THR F 48 -6.16 -17.80 20.58
C THR F 48 -6.11 -18.96 19.59
N PHE F 49 -5.40 -18.75 18.48
CA PHE F 49 -5.28 -19.76 17.43
C PHE F 49 -3.84 -19.78 16.92
N GLN F 50 -3.44 -20.90 16.34
CA GLN F 50 -2.12 -21.01 15.73
C GLN F 50 -2.20 -21.52 14.31
N VAL F 51 -1.17 -21.20 13.53
CA VAL F 51 -0.83 -21.99 12.35
C VAL F 51 0.30 -22.90 12.78
N GLU F 52 0.11 -24.20 12.66
CA GLU F 52 1.07 -25.16 13.21
C GLU F 52 2.43 -25.12 12.53
N VAL F 53 3.45 -25.49 13.31
CA VAL F 53 4.74 -25.85 12.78
C VAL F 53 4.54 -26.96 11.73
N PRO F 54 5.14 -26.82 10.54
CA PRO F 54 5.01 -27.90 9.56
C PRO F 54 5.56 -29.22 10.08
N GLY F 55 4.84 -30.31 9.88
CA GLY F 55 5.26 -31.57 10.45
C GLY F 55 4.72 -32.76 9.67
N SER F 56 4.87 -33.94 10.27
CA SER F 56 4.46 -35.17 9.62
C SER F 56 2.94 -35.28 9.46
N GLN F 57 2.19 -34.44 10.17
CA GLN F 57 0.73 -34.42 10.02
C GLN F 57 0.31 -33.70 8.75
N HIS F 58 1.26 -33.07 8.07
CA HIS F 58 0.92 -32.28 6.88
C HIS F 58 1.28 -33.01 5.60
N LEU F 59 0.36 -33.00 4.64
CA LEU F 59 0.69 -33.48 3.30
C LEU F 59 1.66 -32.52 2.65
N GLU F 60 2.40 -33.00 1.65
CA GLU F 60 3.23 -32.11 0.85
C GLU F 60 2.39 -30.97 0.25
N SER F 61 1.16 -31.31 -0.14
CA SER F 61 0.23 -30.34 -0.73
C SER F 61 -0.20 -29.24 0.25
N GLN F 62 0.08 -29.43 1.53
CA GLN F 62 -0.23 -28.43 2.55
C GLN F 62 0.92 -27.46 2.88
N LYS F 63 2.12 -27.73 2.38
CA LYS F 63 3.28 -26.92 2.78
C LYS F 63 3.14 -25.47 2.31
N ARG F 64 2.83 -25.25 1.04
CA ARG F 64 2.63 -23.88 0.59
C ARG F 64 1.36 -23.22 1.18
N PRO F 65 0.24 -23.98 1.27
CA PRO F 65 -0.92 -23.40 1.97
C PRO F 65 -0.66 -22.94 3.39
N LEU F 66 0.20 -23.63 4.14
CA LEU F 66 0.57 -23.17 5.47
C LEU F 66 1.19 -21.77 5.41
N GLU F 67 2.08 -21.57 4.44
CA GLU F 67 2.74 -20.30 4.28
C GLU F 67 1.74 -19.22 3.80
N ARG F 68 0.84 -19.61 2.91
CA ARG F 68 -0.18 -18.67 2.42
C ARG F 68 -1.04 -18.18 3.58
N MET F 69 -1.44 -19.12 4.44
CA MET F 69 -2.30 -18.76 5.56
C MET F 69 -1.59 -17.77 6.49
N LYS F 70 -0.29 -18.00 6.75
CA LYS F 70 0.46 -17.08 7.59
C LYS F 70 0.54 -15.70 6.91
N ASP F 71 0.69 -15.68 5.59
CA ASP F 71 0.65 -14.41 4.85
C ASP F 71 -0.70 -13.71 5.03
N THR F 72 -1.77 -14.47 4.88
CA THR F 72 -3.12 -13.90 5.00
C THR F 72 -3.36 -13.34 6.40
N LEU F 73 -2.96 -14.07 7.43
CA LEU F 73 -3.17 -13.60 8.80
C LEU F 73 -2.36 -12.33 9.12
N ARG F 74 -1.13 -12.26 8.64
CA ARG F 74 -0.33 -11.05 8.83
C ARG F 74 -1.00 -9.85 8.15
N ALA F 75 -1.48 -10.06 6.91
CA ALA F 75 -2.15 -8.99 6.19
C ALA F 75 -3.44 -8.58 6.91
N ALA F 76 -4.18 -9.55 7.43
CA ALA F 76 -5.38 -9.23 8.19
C ALA F 76 -5.02 -8.39 9.42
N TYR F 77 -3.95 -8.76 10.13
CA TYR F 77 -3.55 -7.98 11.30
C TYR F 77 -3.20 -6.54 10.93
N PHE F 78 -2.33 -6.37 9.94
CA PHE F 78 -1.86 -5.03 9.54
C PHE F 78 -3.00 -4.12 9.07
N THR F 79 -3.97 -4.67 8.34
CA THR F 79 -5.05 -3.86 7.79
C THR F 79 -6.19 -3.66 8.80
N GLY F 80 -6.21 -4.48 9.85
CA GLY F 80 -7.27 -4.40 10.84
C GLY F 80 -8.64 -4.84 10.34
N ILE F 81 -8.67 -5.69 9.30
CA ILE F 81 -9.96 -6.17 8.80
C ILE F 81 -10.56 -7.21 9.73
N LYS F 82 -11.89 -7.29 9.75
CA LYS F 82 -12.55 -8.27 10.58
C LYS F 82 -12.43 -9.66 9.99
N ILE F 83 -12.14 -10.64 10.84
CA ILE F 83 -12.18 -12.04 10.46
C ILE F 83 -13.60 -12.55 10.70
N SER F 84 -14.23 -13.13 9.69
CA SER F 84 -15.60 -13.59 9.84
C SER F 84 -15.67 -14.93 10.59
N LYS F 85 -14.95 -15.93 10.07
CA LYS F 85 -14.94 -17.26 10.69
C LYS F 85 -13.55 -17.90 10.60
N LEU F 86 -13.25 -18.73 11.58
CA LEU F 86 -12.13 -19.65 11.47
C LEU F 86 -12.66 -21.07 11.63
N CYS F 87 -12.16 -21.98 10.81
CA CYS F 87 -12.32 -23.40 11.05
C CYS F 87 -11.01 -23.86 11.69
N ALA F 88 -11.09 -24.47 12.87
CA ALA F 88 -9.87 -24.86 13.57
C ALA F 88 -9.96 -26.26 14.16
N TRP F 89 -8.83 -26.96 14.17
CA TRP F 89 -8.71 -28.24 14.86
C TRP F 89 -8.61 -27.96 16.36
N THR F 90 -9.42 -28.67 17.14
CA THR F 90 -9.48 -28.45 18.56
C THR F 90 -8.56 -29.40 19.33
N ASN F 91 -7.90 -30.31 18.63
CA ASN F 91 -7.01 -31.27 19.30
C ASN F 91 -5.57 -30.76 19.29
N LYS F 92 -5.43 -29.45 19.18
CA LYS F 92 -4.13 -28.79 19.33
C LYS F 92 -4.32 -27.59 20.26
N SER F 93 -3.25 -27.15 20.90
CA SER F 93 -3.33 -25.98 21.76
C SER F 93 -2.19 -24.99 21.48
N PRO F 94 -2.51 -23.75 21.04
CA PRO F 94 -3.82 -23.16 20.69
C PRO F 94 -4.52 -23.95 19.59
N ASN F 95 -5.83 -23.79 19.47
CA ASN F 95 -6.58 -24.39 18.38
C ASN F 95 -5.90 -24.06 17.05
N SER F 96 -5.86 -25.02 16.13
CA SER F 96 -5.05 -24.90 14.92
C SER F 96 -5.87 -24.55 13.69
N ILE F 97 -5.49 -23.49 12.98
CA ILE F 97 -6.31 -22.99 11.87
C ILE F 97 -6.25 -23.89 10.64
N ALA F 98 -7.43 -24.31 10.19
CA ALA F 98 -7.59 -25.11 8.97
C ALA F 98 -8.09 -24.25 7.80
N ALA F 99 -8.93 -23.28 8.10
CA ALA F 99 -9.49 -22.42 7.07
C ALA F 99 -9.96 -21.10 7.66
N ILE F 100 -10.05 -20.07 6.81
CA ILE F 100 -10.47 -18.75 7.25
C ILE F 100 -11.52 -18.20 6.28
N GLU F 101 -12.47 -17.46 6.83
CA GLU F 101 -13.45 -16.75 6.01
C GLU F 101 -13.41 -15.28 6.34
N LEU F 102 -13.31 -14.46 5.31
CA LEU F 102 -13.43 -13.02 5.42
C LEU F 102 -14.67 -12.59 4.66
N SER F 103 -15.50 -11.76 5.29
CA SER F 103 -16.78 -11.39 4.69
C SER F 103 -17.13 -9.92 4.92
N ASN F 104 -17.62 -9.26 3.87
CA ASN F 104 -18.09 -7.88 4.01
C ASN F 104 -19.61 -7.81 3.87
N LEU F 105 -20.26 -8.96 4.03
CA LEU F 105 -21.72 -9.03 4.12
C LEU F 105 -22.18 -8.94 5.57
#